data_8FEI
#
_entry.id   8FEI
#
_cell.length_a   1.00
_cell.length_b   1.00
_cell.length_c   1.00
_cell.angle_alpha   90.00
_cell.angle_beta   90.00
_cell.angle_gamma   90.00
#
_symmetry.space_group_name_H-M   'P 1'
#
loop_
_entity.id
_entity.type
_entity.pdbx_description
1 polymer Ovotransferrin
2 non-polymer 'FE (III) ION'
#
_entity_poly.entity_id   1
_entity_poly.type   'polypeptide(L)'
_entity_poly.pdbx_seq_one_letter_code
;MKLILCTVLSLGIAAVCFAAPPKSVIRWCTISSPEEKKCNNLRDLTQQERISLTCVQKATYLDCIKAIANNEADAISLDG
GQAFEAGLAPYKLKPIAAEVYEHTEGSTTSYYAVAVVKKGTEFTVNDLQGKTSCHTGLGRSAGWNIPIGTLLHRGAIEWE
GIESGSVEQAVAKFFSASCVPGATIEQKLCRQCKGDPKTKCARNAPYSGYSGAFHCLKDGKGDVAFVKHTTVNENAPDQK
DEYELLCLDGSRQPVDNYKTCNWARVAAHAVVARDDNKVEDIWSFLSKAQSDFGVDTKSDFHLFGPPGKKDPVLKDLLFK
DSAIMLKRVPSLMDSQLYLGFEYYSAIQSMRKDQLTPSPRENRIQWCAVGKDEKSKCDRWSVVSNGDVECTVVDETKDCI
IKIMKGEADAVALDGGLVYTAGVCGLVPVMAERYDDESQCSKTDERPASYFAVAVARKDSNVNWNNLKGKKSCHTAVGRT
AGWVIPMGLIHNRTGTCNFDEYFSEGCAPGSPPNSRLCQLCQGSGGIPPEKCVASSHEKYFGYTGALRCLVEKGDVAFIQ
HSTVEENTGGKNKADWAKNLQMDDFELLCTDGRRANVMDYRECNLAEVPTHAVVVRPEKANKIRDLLERQEKRFGVNGSE
KSKFMMFESQNKDLLFKDLTKCLFKVREGTTYKEFLGDKFYTVISSLKTCNPSDILQMCSFLEGK
;
_entity_poly.pdbx_strand_id   A
#
loop_
_chem_comp.id
_chem_comp.type
_chem_comp.name
_chem_comp.formula
FE non-polymer 'FE (III) ION' 'Fe 3'
#
# COMPACT_ATOMS: atom_id res chain seq x y z
N LYS A 23 -4.52 30.58 -15.33
CA LYS A 23 -5.93 30.25 -15.27
C LYS A 23 -6.30 29.23 -16.34
N SER A 24 -5.89 27.98 -16.14
CA SER A 24 -6.16 26.93 -17.10
C SER A 24 -7.53 26.32 -16.85
N VAL A 25 -7.83 25.26 -17.60
CA VAL A 25 -9.10 24.55 -17.52
C VAL A 25 -8.83 23.05 -17.44
N ILE A 26 -9.77 22.32 -16.87
CA ILE A 26 -9.68 20.87 -16.77
C ILE A 26 -10.65 20.26 -17.79
N ARG A 27 -10.11 19.46 -18.70
CA ARG A 27 -10.91 18.83 -19.76
C ARG A 27 -11.49 17.53 -19.23
N TRP A 28 -12.69 17.63 -18.65
CA TRP A 28 -13.40 16.45 -18.19
C TRP A 28 -14.03 15.72 -19.36
N CYS A 29 -14.13 14.40 -19.24
CA CYS A 29 -14.73 13.57 -20.28
C CYS A 29 -15.91 12.80 -19.67
N THR A 30 -17.09 12.97 -20.27
CA THR A 30 -18.30 12.29 -19.85
C THR A 30 -18.73 11.31 -20.93
N ILE A 31 -19.49 10.28 -20.54
CA ILE A 31 -19.83 9.21 -21.46
C ILE A 31 -21.31 9.12 -21.79
N SER A 32 -22.14 9.91 -21.10
CA SER A 32 -23.61 9.88 -21.34
C SER A 32 -24.14 11.30 -21.55
N SER A 33 -25.20 11.43 -22.35
CA SER A 33 -25.80 12.77 -22.62
C SER A 33 -26.36 13.42 -21.34
N PRO A 34 -27.10 12.72 -20.45
CA PRO A 34 -27.53 13.33 -19.19
C PRO A 34 -26.33 13.86 -18.40
N GLU A 35 -25.21 13.11 -18.44
CA GLU A 35 -24.01 13.54 -17.72
C GLU A 35 -23.43 14.80 -18.33
N GLU A 36 -23.58 14.95 -19.66
CA GLU A 36 -23.07 16.13 -20.34
C GLU A 36 -23.82 17.39 -19.92
N LYS A 37 -25.11 17.23 -19.58
CA LYS A 37 -25.87 18.38 -19.09
C LYS A 37 -25.44 18.75 -17.68
N LYS A 38 -25.11 17.75 -16.85
CA LYS A 38 -24.65 18.05 -15.50
C LYS A 38 -23.26 18.65 -15.53
N CYS A 39 -22.42 18.20 -16.46
CA CYS A 39 -21.09 18.78 -16.61
C CYS A 39 -21.16 20.22 -17.10
N ASN A 40 -22.08 20.49 -18.03
CA ASN A 40 -22.21 21.84 -18.56
C ASN A 40 -22.81 22.77 -17.53
N ASN A 41 -23.70 22.27 -16.67
CA ASN A 41 -24.19 23.09 -15.57
C ASN A 41 -23.12 23.27 -14.51
N LEU A 42 -22.17 22.34 -14.44
CA LEU A 42 -21.02 22.54 -13.57
C LEU A 42 -20.08 23.58 -14.14
N ARG A 43 -20.00 23.68 -15.47
CA ARG A 43 -19.08 24.61 -16.10
C ARG A 43 -19.54 26.04 -15.91
N ASP A 44 -20.85 26.27 -15.93
CA ASP A 44 -21.37 27.63 -15.82
C ASP A 44 -21.22 28.17 -14.41
N LEU A 45 -21.10 27.28 -13.42
CA LEU A 45 -20.96 27.75 -12.05
C LEU A 45 -19.49 27.90 -11.66
N THR A 46 -18.57 27.38 -12.45
CA THR A 46 -17.16 27.45 -12.13
C THR A 46 -16.39 28.43 -13.01
N GLN A 47 -17.07 29.16 -13.89
CA GLN A 47 -16.39 30.09 -14.79
C GLN A 47 -15.86 31.30 -14.02
N GLN A 48 -16.45 31.62 -12.87
CA GLN A 48 -16.01 32.77 -12.10
C GLN A 48 -14.72 32.48 -11.36
N GLU A 49 -14.43 31.20 -11.11
CA GLU A 49 -13.26 30.84 -10.33
C GLU A 49 -11.99 30.98 -11.16
N ARG A 50 -10.85 30.77 -10.48
CA ARG A 50 -9.56 30.92 -11.14
C ARG A 50 -9.32 29.79 -12.12
N ILE A 51 -9.70 28.58 -11.77
CA ILE A 51 -9.61 27.45 -12.66
C ILE A 51 -11.01 27.05 -13.09
N SER A 52 -11.13 26.32 -14.20
CA SER A 52 -12.44 26.02 -14.75
C SER A 52 -12.44 24.66 -15.41
N LEU A 53 -13.51 24.37 -16.15
CA LEU A 53 -13.85 23.03 -16.60
C LEU A 53 -14.28 23.05 -18.06
N THR A 54 -14.00 21.96 -18.76
CA THR A 54 -14.45 21.76 -20.13
C THR A 54 -14.90 20.32 -20.30
N CYS A 55 -16.09 20.12 -20.84
CA CYS A 55 -16.67 18.79 -20.97
C CYS A 55 -16.36 18.22 -22.35
N VAL A 56 -16.02 16.94 -22.40
CA VAL A 56 -15.72 16.24 -23.64
C VAL A 56 -16.68 15.07 -23.74
N GLN A 57 -17.65 15.18 -24.63
CA GLN A 57 -18.59 14.08 -24.87
C GLN A 57 -17.88 12.93 -25.56
N LYS A 58 -18.02 11.73 -25.01
CA LYS A 58 -17.49 10.54 -25.65
C LYS A 58 -18.50 9.41 -25.53
N ALA A 59 -18.25 8.34 -26.27
CA ALA A 59 -19.23 7.26 -26.35
C ALA A 59 -19.15 6.34 -25.14
N THR A 60 -18.03 5.64 -24.98
CA THR A 60 -17.85 4.68 -23.90
C THR A 60 -16.72 5.11 -23.00
N TYR A 61 -16.47 4.32 -21.96
CA TYR A 61 -15.39 4.63 -21.03
C TYR A 61 -14.02 4.35 -21.63
N LEU A 62 -13.94 3.45 -22.61
CA LEU A 62 -12.66 3.19 -23.25
C LEU A 62 -12.25 4.35 -24.14
N ASP A 63 -13.22 5.11 -24.65
CA ASP A 63 -12.89 6.25 -25.48
C ASP A 63 -12.37 7.40 -24.64
N CYS A 64 -12.90 7.55 -23.41
CA CYS A 64 -12.40 8.59 -22.53
C CYS A 64 -11.01 8.27 -22.00
N ILE A 65 -10.69 6.98 -21.83
CA ILE A 65 -9.37 6.59 -21.37
C ILE A 65 -8.34 6.79 -22.47
N LYS A 66 -8.74 6.56 -23.72
CA LYS A 66 -7.84 6.87 -24.83
C LYS A 66 -7.69 8.36 -25.02
N ALA A 67 -8.64 9.16 -24.53
CA ALA A 67 -8.52 10.59 -24.66
C ALA A 67 -7.57 11.17 -23.62
N ILE A 68 -7.57 10.63 -22.41
CA ILE A 68 -6.72 11.16 -21.35
C ILE A 68 -5.26 10.80 -21.61
N ALA A 69 -5.04 9.59 -22.12
CA ALA A 69 -3.66 9.16 -22.45
C ALA A 69 -3.17 9.90 -23.70
N ASN A 70 -4.09 10.40 -24.52
CA ASN A 70 -3.71 11.13 -25.76
C ASN A 70 -3.59 12.63 -25.46
N ASN A 71 -3.77 13.01 -24.19
CA ASN A 71 -3.65 14.43 -23.77
C ASN A 71 -4.83 15.23 -24.35
N GLU A 72 -6.01 14.61 -24.48
CA GLU A 72 -7.20 15.33 -24.89
C GLU A 72 -8.16 15.61 -23.74
N ALA A 73 -8.13 14.78 -22.69
CA ALA A 73 -9.02 14.94 -21.56
C ALA A 73 -8.22 14.70 -20.29
N ASP A 74 -8.88 14.87 -19.14
CA ASP A 74 -8.15 14.83 -17.88
C ASP A 74 -8.65 13.79 -16.89
N ALA A 75 -9.95 13.82 -16.54
CA ALA A 75 -10.37 12.91 -15.43
C ALA A 75 -11.77 12.31 -15.61
N ILE A 76 -11.96 11.05 -15.16
CA ILE A 76 -13.30 10.40 -15.18
C ILE A 76 -13.48 9.70 -13.84
N SER A 77 -14.71 9.58 -13.34
CA SER A 77 -14.93 8.78 -12.10
C SER A 77 -15.25 7.35 -12.54
N LEU A 78 -14.27 6.43 -12.39
CA LEU A 78 -14.46 5.08 -12.89
C LEU A 78 -14.70 4.11 -11.74
N ASP A 79 -15.26 2.96 -12.09
CA ASP A 79 -15.48 1.91 -11.09
C ASP A 79 -14.20 1.11 -10.96
N GLY A 80 -14.06 0.36 -9.89
CA GLY A 80 -12.87 -0.38 -9.56
C GLY A 80 -12.46 -1.35 -10.63
N GLY A 81 -13.43 -1.97 -11.29
CA GLY A 81 -13.11 -2.84 -12.41
C GLY A 81 -12.67 -2.07 -13.64
N GLN A 82 -12.99 -0.79 -13.68
CA GLN A 82 -12.54 0.05 -14.79
C GLN A 82 -11.30 0.84 -14.41
N ALA A 83 -11.10 1.09 -13.11
CA ALA A 83 -9.85 1.70 -12.66
C ALA A 83 -8.70 0.72 -12.79
N PHE A 84 -9.00 -0.58 -12.80
CA PHE A 84 -8.01 -1.57 -13.19
C PHE A 84 -7.63 -1.41 -14.65
N GLU A 85 -8.60 -1.08 -15.50
CA GLU A 85 -8.33 -0.99 -16.94
C GLU A 85 -7.51 0.24 -17.27
N ALA A 86 -7.62 1.29 -16.46
CA ALA A 86 -6.88 2.52 -16.74
C ALA A 86 -5.41 2.37 -16.40
N GLY A 87 -5.09 1.51 -15.42
CA GLY A 87 -3.72 1.40 -14.98
C GLY A 87 -2.84 0.60 -15.91
N LEU A 88 -3.43 -0.08 -16.88
CA LEU A 88 -2.65 -0.88 -17.81
C LEU A 88 -1.94 -0.01 -18.83
N ALA A 89 -0.87 -0.55 -19.43
CA ALA A 89 -0.17 0.19 -20.50
C ALA A 89 -1.06 0.18 -21.76
N PRO A 90 -1.06 1.22 -22.61
CA PRO A 90 -0.17 2.37 -22.47
C PRO A 90 -0.81 3.55 -21.71
N TYR A 91 -2.07 3.41 -21.29
CA TYR A 91 -2.77 4.52 -20.59
C TYR A 91 -2.00 4.86 -19.32
N LYS A 92 -1.64 3.85 -18.51
CA LYS A 92 -0.85 4.07 -17.30
C LYS A 92 -1.44 5.16 -16.41
N LEU A 93 -2.76 5.25 -16.37
CA LEU A 93 -3.40 6.27 -15.56
C LEU A 93 -3.34 5.89 -14.09
N LYS A 94 -3.55 6.89 -13.24
CA LYS A 94 -3.35 6.75 -11.81
C LYS A 94 -4.56 7.27 -11.06
N PRO A 95 -5.05 6.56 -10.05
CA PRO A 95 -6.16 7.10 -9.26
C PRO A 95 -5.71 8.23 -8.36
N ILE A 96 -6.32 9.39 -8.52
CA ILE A 96 -5.92 10.57 -7.76
C ILE A 96 -6.94 11.00 -6.72
N ALA A 97 -8.15 10.44 -6.74
CA ALA A 97 -9.16 10.76 -5.74
C ALA A 97 -10.13 9.59 -5.64
N ALA A 98 -10.65 9.38 -4.44
CA ALA A 98 -11.56 8.28 -4.19
C ALA A 98 -12.79 8.82 -3.47
N GLU A 99 -13.90 8.11 -3.61
CA GLU A 99 -15.13 8.52 -2.96
C GLU A 99 -15.23 7.91 -1.58
N VAL A 100 -16.09 8.49 -0.76
CA VAL A 100 -16.27 8.06 0.63
C VAL A 100 -17.74 7.75 0.83
N TYR A 101 -18.03 6.52 1.24
CA TYR A 101 -19.40 6.08 1.49
C TYR A 101 -19.66 6.07 2.98
N GLU A 102 -20.94 6.03 3.35
CA GLU A 102 -21.30 6.11 4.75
C GLU A 102 -21.38 4.72 5.38
N HIS A 103 -20.63 4.52 6.45
CA HIS A 103 -20.74 3.34 7.28
C HIS A 103 -20.95 3.77 8.72
N THR A 104 -21.69 2.95 9.47
CA THR A 104 -22.00 3.30 10.86
C THR A 104 -20.78 3.14 11.75
N GLU A 105 -19.80 2.35 11.30
CA GLU A 105 -18.52 2.29 12.01
C GLU A 105 -17.69 3.54 11.75
N GLY A 106 -17.90 4.17 10.60
CA GLY A 106 -17.10 5.30 10.18
C GLY A 106 -16.99 5.32 8.67
N SER A 107 -16.99 6.54 8.13
CA SER A 107 -17.09 6.75 6.69
C SER A 107 -15.75 6.45 6.02
N THR A 108 -15.61 5.20 5.58
CA THR A 108 -14.42 4.80 4.86
C THR A 108 -14.72 4.65 3.37
N THR A 109 -13.67 4.37 2.61
CA THR A 109 -13.76 4.34 1.15
C THR A 109 -13.96 2.93 0.60
N SER A 110 -15.03 2.27 1.01
CA SER A 110 -15.32 0.94 0.50
C SER A 110 -16.82 0.69 0.60
N TYR A 111 -17.31 -0.23 -0.22
CA TYR A 111 -18.71 -0.61 -0.20
C TYR A 111 -18.82 -2.12 -0.37
N TYR A 112 -20.01 -2.64 -0.10
CA TYR A 112 -20.28 -4.07 -0.07
C TYR A 112 -21.07 -4.48 -1.29
N ALA A 113 -20.73 -5.61 -1.87
CA ALA A 113 -21.50 -6.18 -2.96
C ALA A 113 -22.48 -7.20 -2.41
N VAL A 114 -23.77 -7.00 -2.68
CA VAL A 114 -24.82 -7.89 -2.22
C VAL A 114 -25.57 -8.40 -3.43
N ALA A 115 -26.58 -9.24 -3.16
CA ALA A 115 -27.46 -9.76 -4.19
C ALA A 115 -28.89 -9.71 -3.67
N VAL A 116 -29.76 -9.03 -4.41
CA VAL A 116 -31.11 -8.72 -3.96
C VAL A 116 -32.09 -9.59 -4.73
N VAL A 117 -32.99 -10.26 -4.01
CA VAL A 117 -34.06 -11.05 -4.61
C VAL A 117 -35.40 -10.59 -4.04
N LYS A 118 -36.46 -11.14 -4.62
CA LYS A 118 -37.81 -10.75 -4.23
C LYS A 118 -38.20 -11.35 -2.89
N LYS A 119 -39.23 -10.80 -2.27
CA LYS A 119 -39.69 -11.27 -0.98
C LYS A 119 -40.42 -12.60 -1.11
N GLY A 120 -40.17 -13.50 -0.16
CA GLY A 120 -40.94 -14.71 -0.04
C GLY A 120 -40.72 -15.76 -1.10
N THR A 121 -39.72 -15.58 -1.97
CA THR A 121 -39.46 -16.56 -3.00
C THR A 121 -38.60 -17.68 -2.38
N GLU A 122 -38.50 -18.82 -3.05
CA GLU A 122 -37.97 -20.03 -2.44
C GLU A 122 -36.51 -20.32 -2.74
N PHE A 123 -35.97 -19.86 -3.87
CA PHE A 123 -34.68 -20.33 -4.34
C PHE A 123 -33.52 -19.79 -3.50
N THR A 124 -32.59 -20.66 -3.14
CA THR A 124 -31.44 -20.24 -2.36
C THR A 124 -30.28 -19.88 -3.27
N VAL A 125 -29.09 -19.67 -2.67
CA VAL A 125 -27.92 -19.28 -3.44
C VAL A 125 -27.45 -20.43 -4.32
N ASN A 126 -27.69 -21.67 -3.89
CA ASN A 126 -27.33 -22.82 -4.72
C ASN A 126 -28.35 -23.05 -5.82
N ASP A 127 -29.56 -22.51 -5.66
CA ASP A 127 -30.61 -22.69 -6.65
C ASP A 127 -30.60 -21.64 -7.74
N LEU A 128 -29.52 -20.88 -7.89
CA LEU A 128 -29.51 -19.80 -8.88
C LEU A 128 -29.23 -20.31 -10.28
N GLN A 129 -29.00 -21.60 -10.46
CA GLN A 129 -28.89 -22.17 -11.80
C GLN A 129 -30.22 -22.07 -12.52
N GLY A 130 -30.19 -21.47 -13.71
CA GLY A 130 -31.38 -21.35 -14.53
C GLY A 130 -32.26 -20.16 -14.23
N LYS A 131 -31.90 -19.33 -13.27
CA LYS A 131 -32.72 -18.17 -12.95
C LYS A 131 -32.43 -17.02 -13.91
N THR A 132 -33.08 -15.89 -13.67
CA THR A 132 -32.82 -14.69 -14.42
C THR A 132 -32.22 -13.62 -13.51
N SER A 133 -31.16 -13.00 -14.00
CA SER A 133 -30.37 -12.08 -13.20
C SER A 133 -30.34 -10.72 -13.86
N CYS A 134 -30.00 -9.71 -13.07
CA CYS A 134 -29.77 -8.37 -13.57
C CYS A 134 -28.42 -7.89 -13.07
N HIS A 135 -27.61 -7.34 -13.95
CA HIS A 135 -26.25 -6.95 -13.62
C HIS A 135 -26.06 -5.46 -13.87
N THR A 136 -25.03 -4.90 -13.22
CA THR A 136 -24.77 -3.47 -13.33
C THR A 136 -24.11 -3.13 -14.67
N GLY A 137 -23.04 -3.84 -15.01
CA GLY A 137 -22.39 -3.62 -16.29
C GLY A 137 -21.24 -4.58 -16.45
N LEU A 138 -20.95 -4.88 -17.71
CA LEU A 138 -19.86 -5.81 -18.02
C LEU A 138 -18.52 -5.18 -17.66
N GLY A 139 -17.94 -5.64 -16.56
CA GLY A 139 -16.69 -5.11 -16.09
C GLY A 139 -16.74 -4.36 -14.78
N ARG A 140 -17.93 -4.07 -14.27
CA ARG A 140 -18.05 -3.37 -12.99
C ARG A 140 -17.70 -4.30 -11.85
N SER A 141 -17.42 -3.70 -10.68
CA SER A 141 -16.98 -4.48 -9.54
C SER A 141 -18.14 -5.25 -8.91
N ALA A 142 -19.13 -4.53 -8.39
CA ALA A 142 -20.24 -5.15 -7.69
C ALA A 142 -21.20 -5.87 -8.61
N GLY A 143 -21.26 -5.42 -9.87
CA GLY A 143 -22.19 -6.03 -10.83
C GLY A 143 -21.63 -7.27 -11.49
N TRP A 144 -20.38 -7.23 -11.96
CA TRP A 144 -19.86 -8.40 -12.73
C TRP A 144 -18.71 -9.11 -12.03
N ASN A 145 -17.65 -8.39 -11.63
CA ASN A 145 -16.44 -9.06 -11.07
C ASN A 145 -16.73 -9.86 -9.80
N ILE A 146 -17.38 -9.25 -8.80
CA ILE A 146 -17.60 -9.93 -7.49
C ILE A 146 -18.58 -11.10 -7.63
N PRO A 147 -19.83 -10.93 -8.15
CA PRO A 147 -20.79 -12.05 -8.20
C PRO A 147 -20.30 -13.20 -9.08
N ILE A 148 -19.74 -12.88 -10.25
CA ILE A 148 -19.25 -13.94 -11.17
C ILE A 148 -17.98 -14.54 -10.55
N GLY A 149 -17.15 -13.71 -9.92
CA GLY A 149 -15.96 -14.23 -9.27
C GLY A 149 -16.31 -15.23 -8.18
N THR A 150 -17.40 -14.98 -7.46
CA THR A 150 -17.80 -15.88 -6.39
C THR A 150 -18.44 -17.14 -6.95
N LEU A 151 -19.37 -16.99 -7.88
CA LEU A 151 -20.14 -18.13 -8.38
C LEU A 151 -19.29 -19.05 -9.24
N LEU A 152 -18.17 -18.55 -9.76
CA LEU A 152 -17.23 -19.43 -10.44
C LEU A 152 -16.28 -20.08 -9.45
N HIS A 153 -15.96 -19.39 -8.37
CA HIS A 153 -15.13 -19.99 -7.33
C HIS A 153 -15.91 -21.05 -6.56
N ARG A 154 -17.22 -20.84 -6.40
CA ARG A 154 -18.06 -21.83 -5.71
C ARG A 154 -18.46 -22.99 -6.61
N GLY A 155 -17.92 -23.10 -7.81
CA GLY A 155 -18.15 -24.24 -8.67
C GLY A 155 -19.46 -24.23 -9.42
N ALA A 156 -20.29 -23.21 -9.26
CA ALA A 156 -21.57 -23.15 -9.95
C ALA A 156 -21.36 -22.93 -11.45
N ILE A 157 -20.63 -21.88 -11.81
CA ILE A 157 -20.28 -21.67 -13.21
C ILE A 157 -19.09 -22.56 -13.55
N GLU A 158 -18.97 -22.91 -14.83
CA GLU A 158 -17.92 -23.81 -15.30
C GLU A 158 -17.04 -23.05 -16.27
N TRP A 159 -15.88 -22.62 -15.78
CA TRP A 159 -14.90 -21.90 -16.64
C TRP A 159 -13.49 -22.23 -16.13
N GLU A 160 -12.93 -23.34 -16.58
CA GLU A 160 -11.57 -23.76 -16.11
C GLU A 160 -10.56 -22.70 -16.54
N GLY A 161 -10.69 -22.16 -17.74
CA GLY A 161 -9.78 -21.09 -18.22
C GLY A 161 -10.24 -20.49 -19.53
N ILE A 162 -9.35 -19.74 -20.19
CA ILE A 162 -9.68 -19.07 -21.43
C ILE A 162 -9.78 -20.07 -22.59
N GLU A 163 -9.33 -21.30 -22.35
CA GLU A 163 -9.51 -22.36 -23.33
C GLU A 163 -10.97 -22.76 -23.47
N SER A 164 -11.76 -22.55 -22.41
CA SER A 164 -13.20 -22.76 -22.48
C SER A 164 -13.85 -21.76 -23.43
N GLY A 165 -13.38 -20.52 -23.40
CA GLY A 165 -13.99 -19.46 -24.16
C GLY A 165 -14.03 -18.20 -23.35
N SER A 166 -15.00 -17.36 -23.65
CA SER A 166 -15.17 -16.14 -22.89
C SER A 166 -15.75 -16.45 -21.51
N VAL A 167 -15.68 -15.46 -20.63
CA VAL A 167 -16.34 -15.60 -19.34
C VAL A 167 -17.85 -15.58 -19.51
N GLU A 168 -18.33 -14.73 -20.42
CA GLU A 168 -19.77 -14.52 -20.53
C GLU A 168 -20.45 -15.65 -21.29
N GLN A 169 -19.67 -16.44 -22.03
CA GLN A 169 -20.22 -17.66 -22.62
C GLN A 169 -20.61 -18.65 -21.53
N ALA A 170 -19.83 -18.68 -20.45
CA ALA A 170 -20.19 -19.53 -19.33
C ALA A 170 -21.35 -18.96 -18.55
N VAL A 171 -21.47 -17.63 -18.51
CA VAL A 171 -22.57 -17.00 -17.80
C VAL A 171 -23.87 -17.18 -18.58
N ALA A 172 -23.79 -17.10 -19.91
CA ALA A 172 -24.96 -17.36 -20.74
C ALA A 172 -25.38 -18.81 -20.68
N LYS A 173 -24.43 -19.72 -20.47
CA LYS A 173 -24.78 -21.12 -20.28
C LYS A 173 -25.35 -21.35 -18.89
N PHE A 174 -24.94 -20.55 -17.92
CA PHE A 174 -25.41 -20.75 -16.55
C PHE A 174 -26.80 -20.16 -16.36
N PHE A 175 -26.95 -18.87 -16.56
CA PHE A 175 -28.24 -18.21 -16.43
C PHE A 175 -29.08 -18.46 -17.67
N SER A 176 -30.41 -18.37 -17.49
CA SER A 176 -31.30 -18.52 -18.63
C SER A 176 -31.30 -17.27 -19.49
N ALA A 177 -31.63 -16.13 -18.88
CA ALA A 177 -31.58 -14.84 -19.58
C ALA A 177 -31.23 -13.78 -18.56
N SER A 178 -30.63 -12.70 -19.03
CA SER A 178 -30.19 -11.63 -18.13
C SER A 178 -30.07 -10.33 -18.89
N CYS A 179 -29.74 -9.27 -18.16
CA CYS A 179 -29.53 -7.94 -18.71
C CYS A 179 -28.15 -7.46 -18.29
N VAL A 180 -27.16 -7.68 -19.15
CA VAL A 180 -25.78 -7.28 -18.92
C VAL A 180 -25.45 -6.13 -19.86
N PRO A 181 -25.34 -4.90 -19.37
CA PRO A 181 -25.07 -3.78 -20.26
C PRO A 181 -23.63 -3.77 -20.74
N GLY A 182 -23.47 -3.73 -22.06
CA GLY A 182 -22.17 -3.78 -22.65
C GLY A 182 -21.74 -5.14 -23.15
N ALA A 183 -22.57 -6.16 -22.94
CA ALA A 183 -22.25 -7.49 -23.44
C ALA A 183 -22.46 -7.53 -24.95
N THR A 184 -21.49 -8.09 -25.67
CA THR A 184 -21.51 -8.00 -27.12
C THR A 184 -21.77 -9.34 -27.80
N ILE A 185 -21.05 -10.38 -27.39
CA ILE A 185 -21.02 -11.60 -28.19
C ILE A 185 -22.26 -12.45 -27.94
N GLU A 186 -22.75 -12.48 -26.71
CA GLU A 186 -23.86 -13.34 -26.34
C GLU A 186 -25.15 -12.54 -26.32
N GLN A 187 -26.25 -13.21 -26.67
CA GLN A 187 -27.51 -12.50 -26.84
C GLN A 187 -28.46 -12.75 -25.68
N LYS A 188 -28.20 -13.77 -24.86
CA LYS A 188 -29.02 -13.99 -23.68
C LYS A 188 -28.76 -12.93 -22.63
N LEU A 189 -27.59 -12.31 -22.67
CA LEU A 189 -27.26 -11.25 -21.72
C LEU A 189 -27.88 -9.92 -22.10
N CYS A 190 -28.51 -9.82 -23.26
CA CYS A 190 -29.23 -8.62 -23.66
C CYS A 190 -30.72 -8.84 -23.79
N ARG A 191 -31.23 -10.01 -23.39
CA ARG A 191 -32.63 -10.34 -23.65
C ARG A 191 -33.57 -9.57 -22.73
N GLN A 192 -33.14 -9.27 -21.52
CA GLN A 192 -34.04 -8.67 -20.54
C GLN A 192 -33.92 -7.16 -20.46
N CYS A 193 -33.05 -6.55 -21.26
CA CYS A 193 -32.83 -5.11 -21.14
C CYS A 193 -33.93 -4.35 -21.86
N LYS A 194 -34.27 -3.17 -21.33
CA LYS A 194 -35.35 -2.38 -21.88
C LYS A 194 -34.83 -1.43 -22.95
N GLY A 195 -35.72 -1.06 -23.87
CA GLY A 195 -35.44 -0.04 -24.85
C GLY A 195 -35.49 -0.58 -26.26
N ASP A 196 -34.99 0.23 -27.21
CA ASP A 196 -34.88 -0.24 -28.61
C ASP A 196 -33.61 -1.09 -28.72
N PRO A 197 -33.40 -1.89 -29.79
CA PRO A 197 -32.23 -2.78 -29.85
C PRO A 197 -30.90 -2.02 -29.79
N LYS A 198 -30.82 -0.86 -30.45
CA LYS A 198 -29.54 -0.10 -30.51
C LYS A 198 -29.07 0.30 -29.11
N THR A 199 -29.99 0.61 -28.18
CA THR A 199 -29.54 1.13 -26.85
C THR A 199 -29.56 0.03 -25.78
N LYS A 200 -30.56 -0.86 -25.79
CA LYS A 200 -30.71 -1.89 -24.71
C LYS A 200 -29.37 -2.48 -24.26
N CYS A 201 -28.42 -2.71 -25.17
CA CYS A 201 -27.18 -3.38 -24.80
C CYS A 201 -26.11 -2.40 -24.32
N ALA A 202 -26.23 -1.11 -24.65
CA ALA A 202 -25.16 -0.16 -24.38
C ALA A 202 -25.06 0.15 -22.89
N ARG A 203 -23.93 0.74 -22.49
CA ARG A 203 -23.65 0.99 -21.10
C ARG A 203 -24.47 2.13 -20.52
N ASN A 204 -25.18 2.87 -21.35
CA ASN A 204 -26.08 3.92 -20.89
C ASN A 204 -27.55 3.56 -21.11
N ALA A 205 -27.84 2.26 -21.15
CA ALA A 205 -29.24 1.78 -21.32
C ALA A 205 -30.05 2.13 -20.08
N PRO A 206 -31.40 2.04 -20.09
CA PRO A 206 -32.19 2.29 -18.89
C PRO A 206 -31.83 1.30 -17.76
N TYR A 207 -31.57 0.04 -18.12
CA TYR A 207 -31.29 -0.99 -17.08
C TYR A 207 -29.78 -1.10 -16.82
N SER A 208 -29.01 -0.01 -16.95
CA SER A 208 -27.60 -0.07 -16.62
C SER A 208 -27.32 0.70 -15.34
N GLY A 209 -26.16 0.40 -14.73
CA GLY A 209 -25.80 1.08 -13.47
C GLY A 209 -26.35 0.35 -12.26
N TYR A 210 -26.00 0.71 -11.01
CA TYR A 210 -26.54 0.17 -9.77
C TYR A 210 -28.06 0.33 -9.77
N SER A 211 -28.67 1.48 -10.00
CA SER A 211 -30.10 1.61 -9.83
C SER A 211 -30.84 1.13 -11.07
N GLY A 212 -30.17 1.05 -12.20
CA GLY A 212 -30.83 0.58 -13.40
C GLY A 212 -31.09 -0.91 -13.37
N ALA A 213 -30.15 -1.66 -12.79
CA ALA A 213 -30.33 -3.10 -12.69
C ALA A 213 -31.35 -3.46 -11.62
N PHE A 214 -31.61 -2.53 -10.70
CA PHE A 214 -32.66 -2.77 -9.71
C PHE A 214 -34.03 -2.67 -10.34
N HIS A 215 -34.19 -1.85 -11.37
CA HIS A 215 -35.46 -1.77 -12.06
C HIS A 215 -35.66 -2.96 -12.98
N CYS A 216 -34.58 -3.64 -13.34
CA CYS A 216 -34.70 -4.94 -13.97
C CYS A 216 -35.32 -5.96 -13.02
N LEU A 217 -35.02 -5.82 -11.73
CA LEU A 217 -35.64 -6.70 -10.74
C LEU A 217 -37.06 -6.29 -10.45
N LYS A 218 -37.30 -4.98 -10.28
CA LYS A 218 -38.60 -4.51 -9.80
C LYS A 218 -39.67 -4.69 -10.87
N ASP A 219 -39.29 -4.57 -12.14
CA ASP A 219 -40.26 -4.80 -13.20
C ASP A 219 -40.44 -6.29 -13.50
N GLY A 220 -39.56 -7.13 -13.00
CA GLY A 220 -39.74 -8.55 -13.12
C GLY A 220 -38.95 -9.22 -14.22
N LYS A 221 -37.96 -8.54 -14.80
CA LYS A 221 -37.13 -9.20 -15.80
C LYS A 221 -36.12 -10.17 -15.18
N GLY A 222 -35.85 -10.05 -13.89
CA GLY A 222 -34.89 -10.92 -13.25
C GLY A 222 -35.29 -11.33 -11.85
N ASP A 223 -34.74 -12.45 -11.38
CA ASP A 223 -35.05 -12.90 -10.03
C ASP A 223 -34.06 -12.36 -9.02
N VAL A 224 -32.84 -12.08 -9.47
CA VAL A 224 -31.76 -11.62 -8.60
C VAL A 224 -31.10 -10.41 -9.24
N ALA A 225 -30.79 -9.41 -8.43
CA ALA A 225 -30.09 -8.21 -8.91
C ALA A 225 -28.81 -8.05 -8.12
N PHE A 226 -27.69 -7.93 -8.82
CA PHE A 226 -26.39 -7.78 -8.18
C PHE A 226 -26.04 -6.30 -8.14
N VAL A 227 -26.21 -5.69 -6.97
CA VAL A 227 -26.01 -4.28 -6.78
C VAL A 227 -25.13 -4.07 -5.55
N LYS A 228 -24.88 -2.81 -5.22
CA LYS A 228 -24.15 -2.53 -4.00
C LYS A 228 -25.11 -2.57 -2.82
N HIS A 229 -24.57 -2.27 -1.63
CA HIS A 229 -25.32 -2.54 -0.41
C HIS A 229 -26.44 -1.53 -0.19
N THR A 230 -26.28 -0.31 -0.67
CA THR A 230 -27.25 0.74 -0.40
C THR A 230 -28.13 1.08 -1.59
N THR A 231 -28.29 0.15 -2.55
CA THR A 231 -29.12 0.42 -3.71
C THR A 231 -30.60 0.42 -3.35
N VAL A 232 -30.99 -0.52 -2.48
CA VAL A 232 -32.40 -0.69 -2.13
C VAL A 232 -32.90 0.49 -1.29
N ASN A 233 -32.01 1.10 -0.52
CA ASN A 233 -32.41 2.16 0.39
C ASN A 233 -32.74 3.45 -0.36
N GLU A 234 -32.07 3.68 -1.50
CA GLU A 234 -32.29 4.93 -2.22
C GLU A 234 -33.31 4.75 -3.33
N ASN A 235 -33.61 3.51 -3.70
CA ASN A 235 -34.56 3.30 -4.79
C ASN A 235 -35.95 2.99 -4.26
N ALA A 236 -36.07 2.05 -3.34
CA ALA A 236 -37.35 1.69 -2.72
C ALA A 236 -37.20 1.88 -1.22
N PRO A 237 -37.37 3.11 -0.73
CA PRO A 237 -37.05 3.41 0.67
C PRO A 237 -38.03 2.83 1.67
N ASP A 238 -39.33 2.86 1.36
CA ASP A 238 -40.30 2.35 2.32
C ASP A 238 -40.67 0.89 2.05
N GLN A 239 -40.32 0.38 0.87
CA GLN A 239 -40.57 -1.03 0.55
C GLN A 239 -39.33 -1.89 0.75
N LYS A 240 -38.54 -1.61 1.78
CA LYS A 240 -37.30 -2.34 2.00
C LYS A 240 -37.56 -3.80 2.39
N ASP A 241 -38.66 -4.04 3.09
CA ASP A 241 -38.99 -5.39 3.54
C ASP A 241 -39.48 -6.29 2.43
N GLU A 242 -39.72 -5.76 1.24
CA GLU A 242 -40.17 -6.56 0.12
C GLU A 242 -39.03 -7.17 -0.68
N TYR A 243 -37.81 -7.16 -0.14
CA TYR A 243 -36.66 -7.74 -0.83
C TYR A 243 -35.79 -8.43 0.20
N GLU A 244 -34.96 -9.37 -0.28
CA GLU A 244 -34.12 -10.16 0.59
C GLU A 244 -32.73 -10.27 -0.01
N LEU A 245 -31.73 -10.30 0.87
CA LEU A 245 -30.34 -10.46 0.46
C LEU A 245 -29.98 -11.94 0.48
N LEU A 246 -29.21 -12.36 -0.51
CA LEU A 246 -28.86 -13.77 -0.71
C LEU A 246 -27.49 -14.02 -0.11
N CYS A 247 -27.47 -14.47 1.15
CA CYS A 247 -26.20 -14.77 1.81
C CYS A 247 -25.59 -16.04 1.24
N LEU A 248 -24.30 -16.24 1.50
CA LEU A 248 -23.58 -17.33 0.87
C LEU A 248 -23.84 -18.66 1.58
N ASP A 249 -24.37 -18.62 2.80
CA ASP A 249 -24.72 -19.87 3.46
C ASP A 249 -26.02 -20.43 2.90
N GLY A 250 -26.95 -19.57 2.54
CA GLY A 250 -28.23 -19.98 2.01
C GLY A 250 -29.44 -19.34 2.66
N SER A 251 -29.27 -18.27 3.42
CA SER A 251 -30.36 -17.67 4.17
C SER A 251 -30.75 -16.33 3.56
N ARG A 252 -32.05 -16.07 3.49
CA ARG A 252 -32.57 -14.81 3.00
C ARG A 252 -32.68 -13.83 4.17
N GLN A 253 -31.55 -13.26 4.54
CA GLN A 253 -31.54 -12.23 5.55
C GLN A 253 -32.12 -10.94 4.97
N PRO A 254 -32.72 -10.08 5.79
CA PRO A 254 -33.29 -8.84 5.28
C PRO A 254 -32.24 -7.85 4.84
N VAL A 255 -32.70 -6.70 4.33
CA VAL A 255 -31.83 -5.79 3.60
C VAL A 255 -30.96 -4.98 4.54
N ASP A 256 -31.28 -4.97 5.82
CA ASP A 256 -30.40 -4.25 6.73
C ASP A 256 -29.35 -5.12 7.33
N ASN A 257 -29.09 -6.29 6.77
CA ASN A 257 -28.12 -7.23 7.31
C ASN A 257 -26.99 -7.50 6.33
N TYR A 258 -26.52 -6.45 5.64
CA TYR A 258 -25.46 -6.63 4.67
C TYR A 258 -24.11 -6.82 5.33
N LYS A 259 -24.02 -6.55 6.64
CA LYS A 259 -22.78 -6.83 7.37
C LYS A 259 -22.55 -8.34 7.46
N THR A 260 -23.61 -9.12 7.48
CA THR A 260 -23.52 -10.56 7.55
C THR A 260 -23.82 -11.24 6.22
N CYS A 261 -24.27 -10.50 5.22
CA CYS A 261 -24.74 -11.10 3.97
C CYS A 261 -24.01 -10.58 2.75
N ASN A 262 -22.94 -9.79 2.93
CA ASN A 262 -22.23 -9.26 1.79
C ASN A 262 -21.46 -10.36 1.07
N TRP A 263 -21.14 -10.11 -0.19
CA TRP A 263 -20.39 -11.08 -0.96
C TRP A 263 -18.92 -10.74 -1.02
N ALA A 264 -18.60 -9.46 -0.88
CA ALA A 264 -17.23 -8.96 -0.75
C ALA A 264 -17.31 -7.52 -0.26
N ARG A 265 -16.15 -6.98 0.08
CA ARG A 265 -15.99 -5.56 0.38
C ARG A 265 -14.96 -5.00 -0.59
N VAL A 266 -15.40 -4.10 -1.46
CA VAL A 266 -14.61 -3.70 -2.62
C VAL A 266 -14.29 -2.22 -2.51
N ALA A 267 -13.23 -1.80 -3.20
CA ALA A 267 -12.72 -0.45 -3.10
C ALA A 267 -13.65 0.54 -3.80
N ALA A 268 -13.46 1.82 -3.49
CA ALA A 268 -14.35 2.86 -3.94
C ALA A 268 -14.15 3.16 -5.42
N HIS A 269 -15.03 4.01 -5.95
CA HIS A 269 -14.87 4.49 -7.32
C HIS A 269 -13.80 5.58 -7.34
N ALA A 270 -12.84 5.43 -8.25
CA ALA A 270 -11.62 6.22 -8.23
C ALA A 270 -11.60 7.21 -9.38
N VAL A 271 -11.09 8.40 -9.11
CA VAL A 271 -10.93 9.43 -10.11
C VAL A 271 -9.56 9.32 -10.76
N VAL A 272 -9.49 8.69 -11.93
CA VAL A 272 -8.19 8.50 -12.55
C VAL A 272 -7.80 9.73 -13.34
N ALA A 273 -6.50 9.83 -13.62
CA ALA A 273 -5.92 10.93 -14.38
C ALA A 273 -4.54 10.51 -14.88
N ARG A 274 -3.89 11.41 -15.60
CA ARG A 274 -2.50 11.19 -15.95
C ARG A 274 -1.61 11.38 -14.73
N ASP A 275 -0.37 10.91 -14.83
CA ASP A 275 0.61 11.08 -13.76
C ASP A 275 1.61 12.15 -14.17
N ASP A 276 1.26 13.41 -13.91
CA ASP A 276 2.07 14.54 -14.35
C ASP A 276 1.75 15.73 -13.47
N ASN A 277 2.10 16.93 -13.96
CA ASN A 277 1.87 18.15 -13.21
C ASN A 277 0.38 18.50 -13.11
N LYS A 278 -0.45 17.88 -13.96
CA LYS A 278 -1.87 18.23 -13.97
C LYS A 278 -2.65 17.60 -12.82
N VAL A 279 -2.00 16.79 -11.98
CA VAL A 279 -2.68 16.17 -10.85
C VAL A 279 -3.07 17.22 -9.83
N GLU A 280 -2.19 18.18 -9.59
CA GLU A 280 -2.35 19.09 -8.46
C GLU A 280 -3.47 20.09 -8.71
N ASP A 281 -3.67 20.50 -9.96
CA ASP A 281 -4.69 21.50 -10.22
C ASP A 281 -6.07 20.86 -10.33
N ILE A 282 -6.12 19.55 -10.58
CA ILE A 282 -7.41 18.85 -10.61
C ILE A 282 -7.96 18.73 -9.21
N TRP A 283 -7.13 18.30 -8.25
CA TRP A 283 -7.61 18.07 -6.89
C TRP A 283 -7.97 19.38 -6.20
N SER A 284 -7.27 20.46 -6.54
CA SER A 284 -7.63 21.77 -6.00
C SER A 284 -8.98 22.23 -6.55
N PHE A 285 -9.30 21.82 -7.78
CA PHE A 285 -10.62 22.10 -8.33
C PHE A 285 -11.69 21.25 -7.64
N LEU A 286 -11.39 19.97 -7.41
CA LEU A 286 -12.33 19.11 -6.73
C LEU A 286 -12.52 19.53 -5.29
N SER A 287 -11.48 20.07 -4.67
CA SER A 287 -11.61 20.64 -3.34
C SER A 287 -12.48 21.88 -3.36
N LYS A 288 -12.42 22.63 -4.46
CA LYS A 288 -13.24 23.83 -4.56
C LYS A 288 -14.70 23.50 -4.78
N ALA A 289 -14.98 22.53 -5.65
CA ALA A 289 -16.35 22.22 -6.00
C ALA A 289 -17.07 21.47 -4.88
N GLN A 290 -16.37 20.57 -4.20
CA GLN A 290 -16.97 19.82 -3.10
C GLN A 290 -17.30 20.74 -1.93
N SER A 291 -16.45 21.74 -1.69
CA SER A 291 -16.67 22.66 -0.58
C SER A 291 -17.89 23.56 -0.82
N ASP A 292 -18.27 23.75 -2.07
CA ASP A 292 -19.45 24.55 -2.37
C ASP A 292 -20.64 23.74 -2.85
N PHE A 293 -20.43 22.52 -3.33
CA PHE A 293 -21.53 21.72 -3.86
C PHE A 293 -21.53 20.32 -3.30
N GLY A 294 -21.15 20.16 -2.03
CA GLY A 294 -21.16 18.88 -1.38
C GLY A 294 -22.56 18.45 -0.97
N VAL A 295 -22.59 17.50 -0.02
CA VAL A 295 -23.86 16.95 0.41
C VAL A 295 -24.57 17.92 1.35
N ASP A 296 -23.82 18.82 1.98
CA ASP A 296 -24.39 19.81 2.87
C ASP A 296 -24.54 21.18 2.22
N THR A 297 -24.54 21.24 0.89
CA THR A 297 -24.62 22.53 0.22
C THR A 297 -26.03 23.10 0.28
N LYS A 298 -26.17 24.37 -0.07
CA LYS A 298 -27.47 25.01 -0.12
C LYS A 298 -27.92 25.30 -1.55
N SER A 299 -27.07 25.06 -2.53
CA SER A 299 -27.45 25.28 -3.91
C SER A 299 -28.45 24.22 -4.36
N ASP A 300 -29.20 24.53 -5.43
CA ASP A 300 -30.02 23.52 -6.07
C ASP A 300 -29.15 22.48 -6.74
N PHE A 301 -27.97 22.88 -7.21
CA PHE A 301 -27.02 21.93 -7.76
C PHE A 301 -26.37 21.13 -6.65
N HIS A 302 -26.21 19.83 -6.87
CA HIS A 302 -25.49 18.95 -5.97
C HIS A 302 -24.45 18.19 -6.78
N LEU A 303 -23.26 18.02 -6.23
CA LEU A 303 -22.27 17.20 -6.91
C LEU A 303 -22.54 15.72 -6.66
N PHE A 304 -23.07 15.39 -5.49
CA PHE A 304 -23.41 14.01 -5.14
C PHE A 304 -24.92 13.90 -4.97
N GLY A 305 -25.58 13.30 -5.96
CA GLY A 305 -27.04 13.10 -5.88
C GLY A 305 -27.80 14.40 -6.07
N PRO A 306 -28.80 14.74 -5.22
CA PRO A 306 -29.02 14.01 -3.96
C PRO A 306 -29.84 12.72 -4.15
N PRO A 307 -29.61 11.67 -3.34
CA PRO A 307 -30.31 10.39 -3.51
C PRO A 307 -31.83 10.49 -3.31
N GLY A 308 -32.60 9.64 -4.01
CA GLY A 308 -34.05 9.65 -3.91
C GLY A 308 -34.66 8.92 -5.06
N LYS A 309 -35.98 8.85 -5.05
CA LYS A 309 -36.71 8.20 -6.12
C LYS A 309 -36.69 9.08 -7.37
N LYS A 310 -35.96 8.65 -8.38
CA LYS A 310 -35.82 9.41 -9.61
C LYS A 310 -35.88 8.44 -10.78
N ASP A 311 -35.72 8.98 -11.98
CA ASP A 311 -35.58 8.13 -13.15
C ASP A 311 -34.23 7.43 -13.10
N PRO A 312 -34.13 6.17 -13.55
CA PRO A 312 -32.86 5.45 -13.47
C PRO A 312 -31.71 6.02 -14.29
N VAL A 313 -32.00 6.77 -15.35
CA VAL A 313 -30.92 7.35 -16.14
C VAL A 313 -30.49 8.69 -15.57
N LEU A 314 -31.30 9.25 -14.67
CA LEU A 314 -30.94 10.54 -14.08
C LEU A 314 -30.01 10.39 -12.89
N LYS A 315 -29.83 9.16 -12.40
CA LYS A 315 -29.04 8.97 -11.20
C LYS A 315 -27.62 8.56 -11.53
N ASP A 316 -26.70 8.87 -10.60
CA ASP A 316 -25.27 8.57 -10.67
C ASP A 316 -24.62 9.19 -11.91
N LEU A 317 -24.60 10.53 -11.93
CA LEU A 317 -24.02 11.26 -13.09
C LEU A 317 -22.71 11.92 -12.66
N LEU A 318 -21.54 11.37 -13.07
CA LEU A 318 -20.19 11.95 -12.80
C LEU A 318 -19.74 11.59 -11.40
N PHE A 319 -20.64 11.04 -10.56
CA PHE A 319 -20.33 10.69 -9.15
C PHE A 319 -21.53 9.93 -8.59
N LYS A 320 -21.30 8.89 -7.80
CA LYS A 320 -22.38 8.10 -7.26
C LYS A 320 -23.15 8.88 -6.20
N ASP A 321 -24.46 8.66 -6.17
CA ASP A 321 -25.31 9.37 -5.22
C ASP A 321 -25.13 8.91 -3.79
N SER A 322 -24.50 7.75 -3.58
CA SER A 322 -24.28 7.25 -2.23
C SER A 322 -23.09 7.90 -1.55
N ALA A 323 -22.17 8.47 -2.33
CA ALA A 323 -20.97 9.07 -1.75
C ALA A 323 -21.32 10.36 -1.02
N ILE A 324 -20.50 10.71 -0.03
CA ILE A 324 -20.71 11.91 0.74
C ILE A 324 -19.51 12.85 0.70
N MET A 325 -18.34 12.37 0.29
CA MET A 325 -17.15 13.22 0.26
C MET A 325 -16.17 12.63 -0.73
N LEU A 326 -15.10 13.37 -0.99
CA LEU A 326 -14.01 12.91 -1.83
C LEU A 326 -12.71 13.00 -1.03
N LYS A 327 -11.91 11.93 -1.09
CA LYS A 327 -10.68 11.84 -0.34
C LYS A 327 -9.52 11.63 -1.30
N ARG A 328 -8.42 12.32 -1.06
CA ARG A 328 -7.31 12.30 -2.00
C ARG A 328 -6.48 11.04 -1.83
N VAL A 329 -6.18 10.39 -2.94
CA VAL A 329 -5.31 9.22 -2.98
C VAL A 329 -3.86 9.74 -2.91
N PRO A 330 -3.00 9.13 -2.10
CA PRO A 330 -1.59 9.55 -2.07
C PRO A 330 -0.88 9.29 -3.39
N SER A 331 0.28 9.95 -3.55
CA SER A 331 0.89 10.04 -4.87
C SER A 331 1.65 8.78 -5.24
N LEU A 332 1.79 7.84 -4.30
CA LEU A 332 2.57 6.64 -4.60
C LEU A 332 1.70 5.50 -5.11
N MET A 333 0.38 5.62 -4.99
CA MET A 333 -0.51 4.53 -5.36
C MET A 333 -0.60 4.37 -6.88
N ASP A 334 -0.94 3.17 -7.30
CA ASP A 334 -1.28 2.89 -8.69
C ASP A 334 -2.52 2.00 -8.69
N SER A 335 -2.83 1.44 -9.86
CA SER A 335 -4.02 0.62 -9.99
C SER A 335 -3.88 -0.70 -9.24
N GLN A 336 -2.65 -1.20 -9.12
CA GLN A 336 -2.45 -2.49 -8.46
C GLN A 336 -2.58 -2.36 -6.95
N LEU A 337 -2.01 -1.30 -6.38
CA LEU A 337 -2.00 -1.17 -4.92
C LEU A 337 -3.29 -0.54 -4.41
N TYR A 338 -4.13 -0.04 -5.32
CA TYR A 338 -5.39 0.55 -4.89
C TYR A 338 -6.43 -0.52 -4.61
N LEU A 339 -6.52 -1.51 -5.49
CA LEU A 339 -7.58 -2.51 -5.39
C LEU A 339 -7.25 -3.55 -4.33
N GLY A 340 -6.00 -3.65 -3.93
CA GLY A 340 -5.62 -4.69 -3.01
C GLY A 340 -5.18 -5.93 -3.76
N PHE A 341 -4.50 -6.83 -3.05
CA PHE A 341 -3.95 -8.01 -3.69
C PHE A 341 -5.04 -9.03 -4.01
N GLU A 342 -6.01 -9.18 -3.11
CA GLU A 342 -7.01 -10.23 -3.27
C GLU A 342 -8.01 -9.90 -4.36
N TYR A 343 -8.20 -8.62 -4.65
CA TYR A 343 -9.15 -8.25 -5.69
C TYR A 343 -8.49 -8.15 -7.05
N TYR A 344 -7.25 -7.64 -7.08
CA TYR A 344 -6.51 -7.57 -8.34
C TYR A 344 -6.19 -8.96 -8.87
N SER A 345 -6.00 -9.92 -7.97
CA SER A 345 -5.75 -11.30 -8.40
C SER A 345 -7.01 -11.93 -8.97
N ALA A 346 -8.18 -11.46 -8.54
CA ALA A 346 -9.43 -12.00 -9.06
C ALA A 346 -9.67 -11.53 -10.48
N ILE A 347 -9.47 -10.23 -10.75
CA ILE A 347 -9.69 -9.69 -12.08
C ILE A 347 -8.66 -10.25 -13.06
N GLN A 348 -7.44 -10.46 -12.58
CA GLN A 348 -6.38 -10.98 -13.44
C GLN A 348 -6.64 -12.44 -13.81
N SER A 349 -7.40 -13.15 -12.97
CA SER A 349 -7.72 -14.54 -13.27
C SER A 349 -8.74 -14.64 -14.41
N MET A 350 -9.74 -13.76 -14.41
CA MET A 350 -10.79 -13.85 -15.42
C MET A 350 -10.32 -13.37 -16.78
N ARG A 351 -9.31 -12.50 -16.82
CA ARG A 351 -8.75 -12.10 -18.10
C ARG A 351 -7.91 -13.21 -18.70
N LYS A 352 -6.92 -13.68 -17.96
CA LYS A 352 -6.05 -14.75 -18.43
C LYS A 352 -5.97 -15.85 -17.38
N ASN A 362 7.35 -22.59 -3.04
CA ASN A 362 8.53 -23.36 -2.68
C ASN A 362 9.83 -22.56 -2.83
N ARG A 363 9.74 -21.41 -3.50
CA ARG A 363 10.88 -20.53 -3.70
C ARG A 363 10.63 -19.22 -2.99
N ILE A 364 11.68 -18.66 -2.39
CA ILE A 364 11.59 -17.37 -1.71
C ILE A 364 12.04 -16.29 -2.68
N GLN A 365 11.24 -15.23 -2.81
CA GLN A 365 11.61 -14.06 -3.61
C GLN A 365 12.10 -12.98 -2.65
N TRP A 366 13.40 -12.94 -2.43
CA TRP A 366 13.99 -11.95 -1.53
C TRP A 366 14.06 -10.60 -2.21
N CYS A 367 14.05 -9.54 -1.42
CA CYS A 367 14.22 -8.19 -1.94
C CYS A 367 15.59 -7.64 -1.52
N ALA A 368 16.45 -7.36 -2.50
CA ALA A 368 17.79 -6.86 -2.27
C ALA A 368 17.88 -5.41 -2.71
N VAL A 369 18.57 -4.58 -1.91
CA VAL A 369 18.63 -3.15 -2.12
C VAL A 369 20.05 -2.79 -2.57
N GLY A 370 20.18 -2.33 -3.81
CA GLY A 370 21.46 -1.87 -4.30
C GLY A 370 22.23 -2.96 -5.03
N LYS A 371 23.44 -2.60 -5.47
CA LYS A 371 24.24 -3.54 -6.23
C LYS A 371 24.98 -4.51 -5.33
N ASP A 372 25.33 -4.08 -4.12
CA ASP A 372 26.15 -4.90 -3.23
C ASP A 372 25.34 -6.06 -2.65
N GLU A 373 24.12 -5.78 -2.20
CA GLU A 373 23.27 -6.83 -1.68
C GLU A 373 22.86 -7.79 -2.79
N LYS A 374 22.64 -7.27 -4.01
CA LYS A 374 22.33 -8.11 -5.15
C LYS A 374 23.50 -9.01 -5.50
N SER A 375 24.73 -8.51 -5.34
CA SER A 375 25.91 -9.32 -5.64
C SER A 375 26.17 -10.35 -4.54
N LYS A 376 25.53 -10.19 -3.38
CA LYS A 376 25.68 -11.25 -2.35
C LYS A 376 24.51 -12.23 -2.53
N CYS A 377 23.34 -11.72 -2.90
CA CYS A 377 22.13 -12.57 -3.04
C CYS A 377 22.25 -13.58 -4.20
N ASP A 378 22.83 -13.19 -5.34
CA ASP A 378 23.03 -14.15 -6.46
C ASP A 378 23.94 -15.29 -5.98
N ARG A 379 24.86 -14.99 -5.07
CA ARG A 379 25.73 -15.99 -4.46
C ARG A 379 24.94 -16.92 -3.56
N TRP A 380 23.96 -16.37 -2.84
CA TRP A 380 23.02 -17.21 -2.09
C TRP A 380 22.18 -18.05 -3.03
N SER A 381 21.83 -17.51 -4.19
CA SER A 381 21.01 -18.24 -5.15
C SER A 381 21.74 -19.45 -5.71
N VAL A 382 23.03 -19.30 -6.01
CA VAL A 382 23.75 -20.39 -6.66
C VAL A 382 24.19 -21.44 -5.65
N VAL A 383 24.44 -21.05 -4.40
CA VAL A 383 24.90 -22.04 -3.42
C VAL A 383 23.74 -22.84 -2.88
N SER A 384 22.53 -22.28 -2.95
CA SER A 384 21.36 -22.98 -2.43
C SER A 384 20.53 -23.61 -3.53
N ASN A 385 20.96 -23.46 -4.79
CA ASN A 385 20.35 -24.05 -5.98
C ASN A 385 18.92 -23.61 -6.22
N GLY A 386 18.68 -22.32 -6.37
CA GLY A 386 17.49 -21.81 -7.00
C GLY A 386 16.28 -21.66 -6.10
N ASP A 387 16.35 -22.14 -4.86
CA ASP A 387 15.19 -22.05 -3.99
C ASP A 387 15.08 -20.64 -3.39
N VAL A 388 16.15 -19.87 -3.49
CA VAL A 388 16.12 -18.46 -3.11
C VAL A 388 16.52 -17.63 -4.32
N GLU A 389 15.56 -16.84 -4.83
CA GLU A 389 15.85 -15.94 -5.97
C GLU A 389 15.50 -14.51 -5.51
N CYS A 390 16.15 -13.49 -6.07
CA CYS A 390 15.88 -12.12 -5.54
C CYS A 390 15.78 -11.07 -6.65
N THR A 391 15.05 -9.98 -6.38
CA THR A 391 14.92 -8.87 -7.36
C THR A 391 15.62 -7.65 -6.78
N VAL A 392 16.43 -6.96 -7.60
CA VAL A 392 17.17 -5.79 -7.12
C VAL A 392 16.29 -4.56 -7.21
N VAL A 393 16.30 -3.74 -6.15
CA VAL A 393 15.61 -2.46 -6.13
C VAL A 393 16.62 -1.38 -5.80
N ASP A 394 16.13 -0.15 -5.66
CA ASP A 394 17.02 0.97 -5.40
C ASP A 394 16.91 1.50 -3.98
N GLU A 395 15.77 1.31 -3.31
CA GLU A 395 15.60 1.72 -1.93
C GLU A 395 14.80 0.68 -1.17
N THR A 396 14.80 0.81 0.16
CA THR A 396 14.13 -0.17 1.00
C THR A 396 12.62 -0.01 0.95
N LYS A 397 12.12 1.18 0.60
CA LYS A 397 10.68 1.35 0.48
C LYS A 397 10.14 0.69 -0.78
N ASP A 398 11.02 0.38 -1.74
CA ASP A 398 10.61 -0.37 -2.90
C ASP A 398 10.39 -1.84 -2.55
N CYS A 399 11.04 -2.31 -1.49
CA CYS A 399 10.83 -3.70 -1.07
C CYS A 399 9.45 -3.89 -0.45
N ILE A 400 8.94 -2.87 0.24
CA ILE A 400 7.63 -2.99 0.86
C ILE A 400 6.54 -3.04 -0.19
N ILE A 401 6.72 -2.29 -1.28
CA ILE A 401 5.71 -2.23 -2.33
C ILE A 401 5.71 -3.51 -3.15
N LYS A 402 6.89 -4.04 -3.46
CA LYS A 402 6.96 -5.24 -4.30
C LYS A 402 6.54 -6.49 -3.52
N ILE A 403 6.51 -6.40 -2.20
CA ILE A 403 6.01 -7.51 -1.39
C ILE A 403 4.51 -7.39 -1.21
N MET A 404 4.02 -6.15 -1.05
CA MET A 404 2.58 -5.91 -1.05
C MET A 404 1.96 -6.23 -2.39
N LYS A 405 2.70 -6.05 -3.48
CA LYS A 405 2.21 -6.44 -4.79
C LYS A 405 2.31 -7.94 -4.98
N GLY A 406 3.07 -8.62 -4.13
CA GLY A 406 3.25 -10.05 -4.25
C GLY A 406 4.32 -10.45 -5.22
N GLU A 407 5.04 -9.50 -5.82
CA GLU A 407 6.10 -9.84 -6.75
C GLU A 407 7.39 -10.23 -6.04
N ALA A 408 7.48 -9.98 -4.74
CA ALA A 408 8.60 -10.43 -3.93
C ALA A 408 8.04 -11.00 -2.63
N ASP A 409 8.78 -11.92 -2.02
CA ASP A 409 8.27 -12.61 -0.84
C ASP A 409 8.75 -11.98 0.46
N ALA A 410 10.06 -11.93 0.70
CA ALA A 410 10.57 -11.58 2.02
C ALA A 410 11.65 -10.51 1.91
N VAL A 411 11.88 -9.82 3.03
CA VAL A 411 12.91 -8.79 3.14
C VAL A 411 13.25 -8.67 4.62
N ALA A 412 14.45 -8.19 4.92
CA ALA A 412 14.87 -7.94 6.29
C ALA A 412 14.93 -6.44 6.56
N LEU A 413 14.22 -5.97 7.58
CA LEU A 413 14.06 -4.55 7.82
C LEU A 413 14.53 -4.18 9.22
N ASP A 414 14.97 -2.93 9.36
CA ASP A 414 15.31 -2.36 10.69
C ASP A 414 14.01 -2.07 11.46
N GLY A 415 14.12 -1.88 12.77
CA GLY A 415 13.01 -1.74 13.69
C GLY A 415 12.02 -0.65 13.33
N GLY A 416 12.48 0.43 12.72
CA GLY A 416 11.57 1.48 12.29
C GLY A 416 10.83 1.09 11.03
N LEU A 417 11.48 0.33 10.15
CA LEU A 417 10.83 -0.06 8.90
C LEU A 417 9.87 -1.22 9.10
N VAL A 418 9.99 -1.95 10.22
CA VAL A 418 9.01 -2.97 10.55
C VAL A 418 7.68 -2.31 10.89
N TYR A 419 7.73 -1.14 11.53
CA TYR A 419 6.51 -0.40 11.85
C TYR A 419 5.80 0.08 10.60
N THR A 420 6.54 0.58 9.62
CA THR A 420 5.89 1.06 8.41
C THR A 420 5.48 -0.09 7.51
N ALA A 421 6.10 -1.25 7.66
CA ALA A 421 5.62 -2.43 6.95
C ALA A 421 4.47 -3.07 7.71
N GLY A 422 4.41 -2.85 9.02
CA GLY A 422 3.31 -3.38 9.81
C GLY A 422 2.02 -2.63 9.57
N VAL A 423 2.11 -1.33 9.31
CA VAL A 423 0.91 -0.55 9.01
C VAL A 423 0.49 -0.81 7.57
N CYS A 424 1.41 -1.30 6.74
CA CYS A 424 1.09 -1.66 5.37
C CYS A 424 0.35 -3.00 5.29
N GLY A 425 0.31 -3.76 6.38
CA GLY A 425 -0.36 -5.04 6.39
C GLY A 425 0.56 -6.24 6.48
N LEU A 426 1.86 -6.04 6.59
CA LEU A 426 2.78 -7.16 6.71
C LEU A 426 3.09 -7.43 8.18
N VAL A 427 3.57 -8.63 8.45
CA VAL A 427 3.85 -9.09 9.81
C VAL A 427 5.24 -9.71 9.84
N PRO A 428 6.00 -9.53 10.91
CA PRO A 428 7.29 -10.22 11.02
C PRO A 428 7.08 -11.67 11.38
N VAL A 429 7.98 -12.53 10.91
CA VAL A 429 7.84 -13.95 11.20
C VAL A 429 9.11 -14.50 11.85
N MET A 430 10.24 -13.85 11.57
CA MET A 430 11.51 -14.27 12.14
C MET A 430 12.30 -13.05 12.55
N ALA A 431 13.16 -13.21 13.54
CA ALA A 431 14.06 -12.15 13.98
C ALA A 431 15.41 -12.76 14.32
N GLU A 432 16.38 -11.91 14.65
CA GLU A 432 17.76 -12.34 14.78
C GLU A 432 18.23 -12.30 16.23
N ARG A 433 19.23 -13.10 16.53
CA ARG A 433 19.86 -13.12 17.84
C ARG A 433 21.28 -12.60 17.72
N TYR A 434 21.70 -11.81 18.71
CA TYR A 434 23.06 -11.30 18.75
C TYR A 434 23.88 -11.82 19.92
N ASP A 435 23.22 -12.28 20.98
CA ASP A 435 23.93 -12.58 22.22
C ASP A 435 24.48 -13.99 22.22
N ASP A 436 23.69 -14.98 21.81
CA ASP A 436 24.11 -16.36 21.90
C ASP A 436 23.36 -17.18 20.85
N GLU A 437 24.08 -18.13 20.24
CA GLU A 437 23.45 -19.03 19.28
C GLU A 437 22.59 -20.07 20.00
N SER A 438 22.87 -20.34 21.27
CA SER A 438 22.12 -21.35 22.00
C SER A 438 20.76 -20.86 22.44
N GLN A 439 20.58 -19.55 22.58
CA GLN A 439 19.37 -19.03 23.22
C GLN A 439 18.17 -19.06 22.28
N CYS A 440 18.40 -19.09 20.97
CA CYS A 440 17.27 -19.12 20.05
C CYS A 440 16.63 -20.49 19.97
N SER A 441 17.31 -21.52 20.50
CA SER A 441 16.69 -22.83 20.61
C SER A 441 15.60 -22.83 21.66
N LYS A 442 15.95 -22.53 22.91
CA LYS A 442 14.96 -22.36 23.96
C LYS A 442 14.23 -21.04 23.74
N THR A 443 13.09 -21.12 23.05
CA THR A 443 12.39 -19.90 22.62
C THR A 443 11.76 -19.17 23.80
N ASP A 444 11.41 -19.91 24.86
CA ASP A 444 10.95 -19.32 26.11
C ASP A 444 12.17 -18.71 26.80
N GLU A 445 12.50 -17.47 26.44
CA GLU A 445 13.67 -16.78 26.95
C GLU A 445 13.41 -15.28 26.92
N ARG A 446 14.48 -14.52 27.13
CA ARG A 446 14.39 -13.07 27.07
C ARG A 446 14.20 -12.62 25.63
N PRO A 447 13.51 -11.51 25.38
CA PRO A 447 13.39 -11.00 24.00
C PRO A 447 14.71 -10.49 23.45
N ALA A 448 14.93 -10.69 22.16
CA ALA A 448 16.14 -10.21 21.51
C ALA A 448 16.14 -8.69 21.42
N SER A 449 17.30 -8.09 21.64
CA SER A 449 17.42 -6.65 21.60
C SER A 449 18.87 -6.25 21.31
N TYR A 450 19.03 -5.01 20.88
CA TYR A 450 20.32 -4.33 20.91
C TYR A 450 20.11 -2.93 21.46
N PHE A 451 21.14 -2.10 21.38
CA PHE A 451 21.14 -0.81 22.03
C PHE A 451 21.47 0.29 21.04
N ALA A 452 21.01 1.49 21.34
CA ALA A 452 21.28 2.67 20.53
C ALA A 452 22.17 3.63 21.32
N VAL A 453 23.35 3.91 20.77
CA VAL A 453 24.34 4.74 21.45
C VAL A 453 24.73 5.90 20.53
N ALA A 454 25.43 6.87 21.11
CA ALA A 454 25.98 7.99 20.38
C ALA A 454 27.49 8.01 20.53
N VAL A 455 28.20 7.87 19.41
CA VAL A 455 29.65 7.72 19.40
C VAL A 455 30.28 9.03 18.92
N ALA A 456 31.18 9.57 19.73
CA ALA A 456 31.93 10.78 19.39
C ALA A 456 33.41 10.45 19.29
N ARG A 457 34.19 11.43 18.87
CA ARG A 457 35.64 11.23 18.84
C ARG A 457 36.21 11.44 20.24
N LYS A 458 37.51 11.14 20.38
CA LYS A 458 38.13 11.08 21.70
C LYS A 458 38.25 12.46 22.35
N ASP A 459 38.96 13.37 21.69
CA ASP A 459 39.28 14.65 22.33
C ASP A 459 38.19 15.70 22.10
N SER A 460 37.15 15.34 21.35
CA SER A 460 36.06 16.27 21.11
C SER A 460 35.26 16.49 22.40
N ASN A 461 34.96 17.74 22.68
CA ASN A 461 34.23 18.11 23.90
C ASN A 461 32.73 18.09 23.72
N VAL A 462 32.22 17.54 22.61
CA VAL A 462 30.79 17.54 22.36
C VAL A 462 30.10 16.49 23.22
N ASN A 463 29.03 16.88 23.88
CA ASN A 463 28.17 15.94 24.57
C ASN A 463 26.74 16.16 24.12
N TRP A 464 25.81 15.56 24.86
CA TRP A 464 24.39 15.59 24.52
C TRP A 464 23.77 16.98 24.63
N ASN A 465 24.39 17.86 25.42
CA ASN A 465 23.78 19.16 25.66
C ASN A 465 24.04 20.12 24.50
N ASN A 466 25.29 20.23 24.07
CA ASN A 466 25.68 21.18 23.04
C ASN A 466 25.69 20.57 21.65
N LEU A 467 24.77 19.64 21.38
CA LEU A 467 24.78 18.93 20.11
C LEU A 467 24.16 19.78 18.99
N LYS A 468 23.60 20.95 19.34
CA LYS A 468 22.83 21.72 18.38
C LYS A 468 23.72 22.36 17.32
N GLY A 469 24.91 22.80 17.70
CA GLY A 469 25.76 23.47 16.73
C GLY A 469 26.64 22.54 15.92
N LYS A 470 26.68 21.26 16.25
CA LYS A 470 27.68 20.34 15.70
C LYS A 470 27.15 19.61 14.49
N LYS A 471 28.07 18.92 13.82
CA LYS A 471 27.70 18.04 12.72
C LYS A 471 27.17 16.72 13.26
N SER A 472 26.64 15.90 12.35
CA SER A 472 26.08 14.62 12.73
C SER A 472 26.22 13.64 11.58
N CYS A 473 26.27 12.35 11.92
CA CYS A 473 26.30 11.29 10.93
C CYS A 473 25.34 10.20 11.34
N HIS A 474 24.38 9.90 10.47
CA HIS A 474 23.38 8.89 10.75
C HIS A 474 23.59 7.70 9.82
N THR A 475 22.83 6.64 10.05
CA THR A 475 22.95 5.46 9.19
C THR A 475 22.02 5.56 7.98
N ALA A 476 20.79 6.01 8.20
CA ALA A 476 19.81 6.38 7.18
C ALA A 476 18.65 7.03 7.92
N VAL A 477 17.81 7.72 7.17
CA VAL A 477 16.62 8.33 7.74
C VAL A 477 15.54 7.27 7.83
N GLY A 478 14.83 7.23 8.96
CA GLY A 478 13.78 6.27 9.17
C GLY A 478 14.17 5.04 9.95
N ARG A 479 15.46 4.69 9.98
CA ARG A 479 15.89 3.51 10.71
C ARG A 479 15.96 3.81 12.19
N THR A 480 15.87 2.75 13.01
CA THR A 480 15.69 2.96 14.45
C THR A 480 16.99 3.33 15.15
N ALA A 481 18.12 2.93 14.57
CA ALA A 481 19.39 3.20 15.24
C ALA A 481 19.81 4.66 15.08
N GLY A 482 19.95 5.12 13.85
CA GLY A 482 20.42 6.47 13.61
C GLY A 482 19.35 7.53 13.62
N TRP A 483 18.11 7.18 13.30
CA TRP A 483 17.13 8.24 13.11
C TRP A 483 16.05 8.27 14.18
N VAL A 484 15.40 7.13 14.46
CA VAL A 484 14.16 7.17 15.24
C VAL A 484 14.43 7.47 16.69
N ILE A 485 15.34 6.70 17.30
CA ILE A 485 15.68 6.93 18.74
C ILE A 485 16.24 8.35 18.93
N PRO A 486 17.31 8.79 18.23
CA PRO A 486 17.87 10.12 18.49
C PRO A 486 16.90 11.28 18.21
N MET A 487 16.15 11.22 17.10
CA MET A 487 15.26 12.36 16.74
C MET A 487 14.03 12.33 17.65
N GLY A 488 13.66 11.14 18.15
CA GLY A 488 12.55 11.04 19.08
C GLY A 488 12.91 11.57 20.46
N LEU A 489 14.18 11.46 20.84
CA LEU A 489 14.65 12.14 22.03
C LEU A 489 14.67 13.65 21.82
N ILE A 490 15.10 14.08 20.63
CA ILE A 490 15.14 15.50 20.30
C ILE A 490 13.73 16.06 20.17
N HIS A 491 12.83 15.29 19.56
CA HIS A 491 11.44 15.72 19.44
C HIS A 491 10.75 15.73 20.80
N ASN A 492 11.25 14.93 21.75
CA ASN A 492 10.81 15.09 23.12
C ASN A 492 11.50 16.27 23.78
N ARG A 493 12.71 16.60 23.31
CA ARG A 493 13.48 17.66 23.95
C ARG A 493 12.97 19.04 23.53
N THR A 494 13.05 19.37 22.25
CA THR A 494 12.71 20.70 21.78
C THR A 494 11.28 20.79 21.26
N GLY A 495 10.67 19.66 20.95
CA GLY A 495 9.34 19.65 20.41
C GLY A 495 9.21 20.14 18.99
N THR A 496 10.31 20.31 18.27
CA THR A 496 10.31 20.83 16.91
C THR A 496 10.26 19.66 15.94
N CYS A 497 9.35 19.73 14.97
CA CYS A 497 9.31 18.69 13.96
C CYS A 497 10.35 18.91 12.88
N ASN A 498 10.97 20.10 12.85
CA ASN A 498 12.12 20.31 12.00
C ASN A 498 13.33 19.61 12.60
N PHE A 499 14.04 18.85 11.77
CA PHE A 499 15.19 18.10 12.24
C PHE A 499 16.44 18.34 11.43
N ASP A 500 16.33 18.91 10.23
CA ASP A 500 17.51 19.48 9.57
C ASP A 500 17.94 20.76 10.26
N GLU A 501 17.00 21.42 10.96
CA GLU A 501 17.30 22.70 11.57
C GLU A 501 18.08 22.54 12.85
N TYR A 502 17.92 21.42 13.55
CA TYR A 502 18.53 21.28 14.87
C TYR A 502 20.03 21.03 14.78
N PHE A 503 20.48 20.46 13.68
CA PHE A 503 21.90 20.26 13.48
C PHE A 503 22.45 21.36 12.59
N SER A 504 23.78 21.50 12.60
CA SER A 504 24.42 22.40 11.64
C SER A 504 24.33 21.84 10.24
N GLU A 505 24.94 20.68 10.02
CA GLU A 505 24.85 19.95 8.77
C GLU A 505 25.20 18.50 9.05
N GLY A 506 25.04 17.65 8.06
CA GLY A 506 25.33 16.25 8.28
C GLY A 506 24.99 15.42 7.08
N CYS A 507 25.01 14.10 7.28
CA CYS A 507 24.81 13.13 6.22
C CYS A 507 23.86 12.04 6.71
N ALA A 508 22.58 12.19 6.41
CA ALA A 508 21.58 11.16 6.65
C ALA A 508 21.09 10.66 5.31
N PRO A 509 21.45 9.44 4.90
CA PRO A 509 21.09 8.96 3.55
C PRO A 509 19.59 8.77 3.39
N GLY A 510 19.06 9.32 2.31
CA GLY A 510 17.63 9.31 2.06
C GLY A 510 16.94 10.63 2.30
N SER A 511 17.63 11.60 2.90
CA SER A 511 17.03 12.94 3.13
C SER A 511 17.08 13.75 1.83
N PRO A 512 16.32 14.86 1.66
CA PRO A 512 16.28 15.58 0.39
C PRO A 512 17.67 16.08 -0.02
N PRO A 513 18.09 15.94 -1.30
CA PRO A 513 19.43 16.33 -1.72
C PRO A 513 19.71 17.83 -1.53
N ASN A 514 18.65 18.65 -1.49
CA ASN A 514 18.85 20.10 -1.35
C ASN A 514 18.50 20.51 0.07
N SER A 515 19.26 19.95 1.01
CA SER A 515 19.08 20.26 2.42
C SER A 515 20.40 20.00 3.13
N ARG A 516 20.49 20.51 4.37
CA ARG A 516 21.76 20.48 5.07
C ARG A 516 22.10 19.09 5.61
N LEU A 517 21.16 18.18 5.64
CA LEU A 517 21.45 16.81 6.02
C LEU A 517 21.81 15.94 4.82
N CYS A 518 22.34 16.54 3.77
CA CYS A 518 22.91 15.80 2.66
C CYS A 518 24.23 16.38 2.16
N GLN A 519 24.66 17.52 2.70
CA GLN A 519 25.86 18.17 2.19
C GLN A 519 27.11 17.44 2.64
N LEU A 520 27.10 16.90 3.85
CA LEU A 520 28.24 16.14 4.34
C LEU A 520 28.32 14.73 3.77
N CYS A 521 27.35 14.32 2.98
CA CYS A 521 27.42 13.01 2.35
C CYS A 521 28.45 13.03 1.24
N GLN A 522 29.34 12.04 1.24
CA GLN A 522 30.42 12.03 0.27
C GLN A 522 29.95 11.52 -1.09
N GLY A 523 28.86 10.78 -1.14
CA GLY A 523 28.41 10.21 -2.39
C GLY A 523 29.12 8.91 -2.71
N SER A 524 28.71 8.31 -3.82
CA SER A 524 29.28 7.02 -4.20
C SER A 524 30.65 7.18 -4.84
N GLY A 525 30.88 8.30 -5.52
CA GLY A 525 32.11 8.50 -6.24
C GLY A 525 32.12 7.93 -7.64
N GLY A 526 31.01 7.36 -8.10
CA GLY A 526 30.92 6.79 -9.43
C GLY A 526 30.58 7.83 -10.48
N ILE A 527 30.09 7.36 -11.63
CA ILE A 527 29.64 8.31 -12.68
C ILE A 527 28.59 9.25 -12.05
N PRO A 528 27.46 8.76 -11.49
CA PRO A 528 26.53 9.64 -10.76
C PRO A 528 27.13 9.96 -9.39
N PRO A 529 27.07 11.22 -8.91
CA PRO A 529 27.55 11.53 -7.56
C PRO A 529 26.78 10.69 -6.55
N GLU A 530 25.54 10.32 -6.87
CA GLU A 530 24.70 9.52 -5.98
C GLU A 530 24.80 9.99 -4.54
N LYS A 531 24.83 11.31 -4.34
CA LYS A 531 24.97 11.85 -3.00
C LYS A 531 23.68 11.63 -2.21
N CYS A 532 23.84 11.22 -0.96
CA CYS A 532 22.78 11.16 0.04
C CYS A 532 21.68 10.18 -0.35
N VAL A 533 22.05 9.11 -1.05
CA VAL A 533 21.11 8.07 -1.43
C VAL A 533 21.12 6.99 -0.35
N ALA A 534 19.95 6.42 -0.07
CA ALA A 534 19.83 5.48 1.04
C ALA A 534 20.05 4.04 0.59
N SER A 535 21.15 3.78 -0.09
CA SER A 535 21.56 2.43 -0.45
C SER A 535 23.03 2.28 -0.13
N SER A 536 23.59 1.12 -0.45
CA SER A 536 24.96 0.83 -0.04
C SER A 536 25.98 1.50 -0.95
N HIS A 537 25.51 2.22 -1.98
CA HIS A 537 26.41 2.98 -2.83
C HIS A 537 27.03 4.15 -2.09
N GLU A 538 26.26 4.77 -1.20
CA GLU A 538 26.77 5.89 -0.42
C GLU A 538 27.81 5.39 0.58
N LYS A 539 28.93 6.10 0.67
CA LYS A 539 30.01 5.67 1.56
C LYS A 539 29.63 5.85 3.01
N TYR A 540 28.73 6.78 3.31
CA TYR A 540 28.32 7.03 4.68
C TYR A 540 26.97 6.41 5.00
N PHE A 541 26.61 5.33 4.31
CA PHE A 541 25.39 4.61 4.62
C PHE A 541 25.71 3.36 5.43
N GLY A 542 24.87 3.08 6.40
CA GLY A 542 24.98 1.84 7.16
C GLY A 542 25.50 2.07 8.56
N TYR A 543 25.67 0.95 9.27
CA TYR A 543 26.20 1.01 10.62
C TYR A 543 27.67 1.41 10.61
N THR A 544 28.48 0.73 9.78
CA THR A 544 29.88 1.09 9.70
C THR A 544 30.09 2.33 8.85
N GLY A 545 29.11 2.66 8.01
CA GLY A 545 29.21 3.85 7.19
C GLY A 545 29.12 5.13 8.00
N ALA A 546 28.27 5.14 9.02
CA ALA A 546 28.14 6.32 9.86
C ALA A 546 29.35 6.51 10.75
N LEU A 547 30.10 5.43 11.00
CA LEU A 547 31.37 5.59 11.70
C LEU A 547 32.42 6.22 10.80
N ARG A 548 32.39 5.87 9.51
CA ARG A 548 33.32 6.47 8.55
C ARG A 548 33.05 7.95 8.39
N CYS A 549 31.81 8.38 8.57
CA CYS A 549 31.50 9.79 8.56
C CYS A 549 32.03 10.47 9.82
N LEU A 550 32.11 9.73 10.92
CA LEU A 550 32.55 10.33 12.18
C LEU A 550 34.04 10.65 12.15
N VAL A 551 34.85 9.72 11.64
CA VAL A 551 36.30 9.92 11.68
C VAL A 551 36.74 10.90 10.59
N GLU A 552 36.07 10.89 9.44
CA GLU A 552 36.53 11.73 8.35
C GLU A 552 36.06 13.17 8.50
N LYS A 553 34.74 13.39 8.42
CA LYS A 553 34.19 14.74 8.56
C LYS A 553 32.93 14.70 9.40
N GLY A 554 33.05 14.81 10.71
CA GLY A 554 31.85 14.72 11.55
C GLY A 554 32.18 14.93 13.00
N ASP A 555 31.12 14.97 13.80
CA ASP A 555 31.20 15.24 15.23
C ASP A 555 30.54 14.18 16.08
N VAL A 556 29.51 13.51 15.59
CA VAL A 556 28.80 12.48 16.34
C VAL A 556 28.20 11.49 15.35
N ALA A 557 28.12 10.23 15.78
CA ALA A 557 27.57 9.16 14.96
C ALA A 557 26.59 8.37 15.80
N PHE A 558 25.37 8.20 15.29
CA PHE A 558 24.32 7.46 15.98
C PHE A 558 24.25 6.05 15.40
N ILE A 559 24.78 5.08 16.14
CA ILE A 559 24.94 3.73 15.62
C ILE A 559 24.69 2.71 16.73
N GLN A 560 24.87 1.44 16.37
CA GLN A 560 24.67 0.32 17.27
C GLN A 560 25.72 0.31 18.37
N HIS A 561 25.47 -0.51 19.39
CA HIS A 561 26.32 -0.51 20.57
C HIS A 561 27.67 -1.18 20.31
N SER A 562 27.75 -2.00 19.27
CA SER A 562 28.95 -2.79 19.07
C SER A 562 29.71 -2.45 17.80
N THR A 563 29.30 -1.43 17.06
CA THR A 563 29.93 -1.15 15.77
C THR A 563 31.33 -0.59 15.94
N VAL A 564 31.60 -0.01 17.11
CA VAL A 564 32.97 0.40 17.44
C VAL A 564 33.84 -0.83 17.61
N GLU A 565 33.29 -1.89 18.19
CA GLU A 565 34.07 -3.09 18.46
C GLU A 565 34.36 -3.86 17.19
N GLU A 566 33.43 -3.84 16.23
CA GLU A 566 33.62 -4.64 15.02
C GLU A 566 34.64 -4.01 14.09
N ASN A 567 34.70 -2.68 14.06
CA ASN A 567 35.57 -2.01 13.11
C ASN A 567 36.97 -1.83 13.66
N THR A 568 37.10 -1.62 14.96
CA THR A 568 38.41 -1.45 15.55
C THR A 568 39.07 -2.80 15.81
N GLY A 569 40.21 -2.75 16.48
CA GLY A 569 40.99 -3.94 16.73
C GLY A 569 41.66 -4.53 15.52
N GLY A 570 41.86 -3.75 14.46
CA GLY A 570 42.46 -4.24 13.25
C GLY A 570 41.57 -5.14 12.41
N LYS A 571 40.27 -5.22 12.72
CA LYS A 571 39.40 -6.12 11.99
C LYS A 571 39.00 -5.53 10.64
N ASN A 572 38.69 -4.23 10.61
CA ASN A 572 38.33 -3.57 9.36
C ASN A 572 39.57 -3.34 8.53
N LYS A 573 39.67 -4.03 7.40
CA LYS A 573 40.83 -3.91 6.51
C LYS A 573 40.71 -2.73 5.56
N ALA A 574 39.75 -1.84 5.80
CA ALA A 574 39.59 -0.63 4.96
C ALA A 574 40.70 0.37 5.30
N ASP A 575 41.15 1.14 4.31
CA ASP A 575 42.27 2.10 4.53
C ASP A 575 41.88 3.12 5.61
N TRP A 576 40.64 3.59 5.61
CA TRP A 576 40.25 4.63 6.56
C TRP A 576 40.27 4.09 7.98
N ALA A 577 40.05 2.79 8.15
CA ALA A 577 40.05 2.16 9.46
C ALA A 577 41.22 1.21 9.64
N LYS A 578 42.40 1.57 9.12
CA LYS A 578 43.54 0.66 9.21
C LYS A 578 44.10 0.61 10.63
N ASN A 579 44.15 1.76 11.30
CA ASN A 579 44.75 1.86 12.62
C ASN A 579 43.78 2.31 13.69
N LEU A 580 42.48 2.05 13.50
CA LEU A 580 41.50 2.51 14.46
C LEU A 580 41.50 1.62 15.69
N GLN A 581 41.37 2.23 16.86
CA GLN A 581 41.40 1.50 18.12
C GLN A 581 40.20 1.88 18.96
N MET A 582 39.97 1.09 20.02
CA MET A 582 38.75 1.22 20.80
C MET A 582 38.75 2.49 21.65
N ASP A 583 39.94 2.98 22.00
CA ASP A 583 39.99 4.16 22.86
C ASP A 583 39.97 5.46 22.07
N ASP A 584 39.78 5.39 20.75
CA ASP A 584 39.71 6.60 19.95
C ASP A 584 38.32 7.22 20.01
N PHE A 585 37.37 6.52 20.61
CA PHE A 585 35.98 6.94 20.65
C PHE A 585 35.46 6.83 22.07
N GLU A 586 34.42 7.62 22.38
CA GLU A 586 33.85 7.69 23.71
C GLU A 586 32.35 7.91 23.57
N LEU A 587 31.56 7.08 24.22
CA LEU A 587 30.10 7.18 24.10
C LEU A 587 29.61 8.42 24.82
N LEU A 588 28.41 8.86 24.43
CA LEU A 588 27.77 10.02 25.01
C LEU A 588 26.55 9.57 25.79
N CYS A 589 26.60 9.70 27.12
CA CYS A 589 25.43 9.46 27.93
C CYS A 589 24.41 10.57 27.73
N THR A 590 23.20 10.33 28.21
CA THR A 590 22.14 11.32 28.05
C THR A 590 22.38 12.55 28.91
N ASP A 591 22.98 12.36 30.08
CA ASP A 591 23.30 13.47 30.98
C ASP A 591 24.77 13.87 30.81
N GLY A 592 25.12 14.22 29.57
CA GLY A 592 26.51 14.52 29.26
C GLY A 592 27.35 13.26 29.38
N ARG A 593 28.38 13.34 30.23
CA ARG A 593 29.02 12.17 30.86
C ARG A 593 29.61 11.21 29.84
N ARG A 594 30.66 11.64 29.17
CA ARG A 594 31.37 10.82 28.20
C ARG A 594 31.95 9.57 28.85
N ALA A 595 31.50 8.41 28.41
CA ALA A 595 31.85 7.14 29.03
C ALA A 595 32.45 6.20 28.00
N ASN A 596 33.21 5.23 28.51
CA ASN A 596 33.95 4.30 27.66
C ASN A 596 33.01 3.38 26.89
N VAL A 597 33.48 2.90 25.74
CA VAL A 597 32.61 2.21 24.79
C VAL A 597 32.26 0.81 25.28
N MET A 598 33.02 0.29 26.24
CA MET A 598 32.72 -1.06 26.73
C MET A 598 31.53 -1.06 27.68
N ASP A 599 31.17 0.09 28.22
CA ASP A 599 30.04 0.19 29.14
C ASP A 599 28.79 0.71 28.40
N TYR A 600 28.34 -0.07 27.43
CA TYR A 600 27.12 0.32 26.72
C TYR A 600 25.87 -0.06 27.47
N ARG A 601 25.98 -0.86 28.53
CA ARG A 601 24.81 -1.21 29.33
C ARG A 601 24.33 -0.03 30.15
N GLU A 602 25.21 0.92 30.42
CA GLU A 602 24.86 2.08 31.22
C GLU A 602 24.77 3.37 30.43
N CYS A 603 25.54 3.50 29.35
CA CYS A 603 25.61 4.75 28.60
C CYS A 603 25.06 4.50 27.20
N ASN A 604 23.74 4.61 27.06
CA ASN A 604 23.07 4.43 25.80
C ASN A 604 21.82 5.29 25.78
N LEU A 605 21.17 5.34 24.62
CA LEU A 605 19.98 6.17 24.49
C LEU A 605 18.73 5.38 24.82
N ALA A 606 18.50 4.25 24.15
CA ALA A 606 17.30 3.47 24.39
C ALA A 606 17.49 2.03 23.95
N GLU A 607 16.77 1.14 24.61
CA GLU A 607 16.67 -0.26 24.19
C GLU A 607 15.78 -0.36 22.96
N VAL A 608 16.15 -1.24 22.02
CA VAL A 608 15.37 -1.38 20.79
C VAL A 608 15.18 -2.85 20.44
N PRO A 609 14.11 -3.21 19.73
CA PRO A 609 14.00 -4.57 19.22
C PRO A 609 14.95 -4.81 18.06
N THR A 610 15.19 -6.08 17.78
CA THR A 610 16.12 -6.45 16.73
C THR A 610 15.50 -6.26 15.35
N HIS A 611 16.28 -6.59 14.32
CA HIS A 611 15.75 -6.58 12.94
C HIS A 611 14.80 -7.76 12.78
N ALA A 612 13.98 -7.74 11.73
CA ALA A 612 12.95 -8.74 11.51
C ALA A 612 12.80 -9.02 10.02
N VAL A 613 12.24 -10.18 9.72
CA VAL A 613 11.86 -10.52 8.35
C VAL A 613 10.36 -10.40 8.24
N VAL A 614 9.88 -9.38 7.55
CA VAL A 614 8.45 -9.11 7.45
C VAL A 614 7.94 -9.69 6.14
N VAL A 615 6.75 -10.32 6.18
CA VAL A 615 6.14 -10.94 4.97
C VAL A 615 4.62 -10.80 5.03
N ARG A 616 3.92 -11.14 3.95
CA ARG A 616 2.43 -11.13 3.96
C ARG A 616 1.92 -12.30 4.81
N PRO A 617 0.81 -12.13 5.57
CA PRO A 617 0.32 -13.19 6.47
C PRO A 617 0.04 -14.53 5.75
N GLU A 618 -0.33 -14.49 4.48
CA GLU A 618 -0.67 -15.71 3.75
C GLU A 618 0.53 -16.63 3.62
N LYS A 619 1.69 -16.08 3.27
CA LYS A 619 2.89 -16.87 3.05
C LYS A 619 3.77 -16.95 4.28
N ALA A 620 3.20 -16.76 5.47
CA ALA A 620 4.01 -16.80 6.69
C ALA A 620 4.48 -18.21 7.00
N ASN A 621 3.62 -19.20 6.77
CA ASN A 621 3.96 -20.56 7.14
C ASN A 621 4.93 -21.19 6.15
N LYS A 622 4.94 -20.70 4.92
CA LYS A 622 5.73 -21.36 3.89
C LYS A 622 7.21 -21.03 4.03
N ILE A 623 7.53 -19.80 4.45
CA ILE A 623 8.94 -19.42 4.49
C ILE A 623 9.55 -19.72 5.84
N ARG A 624 8.73 -19.75 6.90
CA ARG A 624 9.25 -19.77 8.26
C ARG A 624 9.92 -21.11 8.57
N ASP A 625 9.35 -22.19 8.04
CA ASP A 625 10.03 -23.47 8.11
C ASP A 625 11.09 -23.59 7.02
N LEU A 626 10.94 -22.85 5.92
CA LEU A 626 11.91 -22.94 4.84
C LEU A 626 13.16 -22.13 5.17
N LEU A 627 13.00 -21.02 5.88
CA LEU A 627 14.16 -20.20 6.26
C LEU A 627 15.02 -20.94 7.29
N GLU A 628 14.39 -21.78 8.10
CA GLU A 628 15.16 -22.58 9.05
C GLU A 628 15.98 -23.65 8.33
N ARG A 629 15.48 -24.13 7.19
CA ARG A 629 16.25 -25.10 6.42
C ARG A 629 17.43 -24.42 5.75
N GLN A 630 17.30 -23.14 5.42
CA GLN A 630 18.42 -22.40 4.86
C GLN A 630 19.44 -22.05 5.93
N GLU A 631 18.97 -21.76 7.15
CA GLU A 631 19.88 -21.36 8.22
C GLU A 631 20.67 -22.55 8.74
N LYS A 632 20.10 -23.75 8.64
CA LYS A 632 20.79 -24.94 9.13
C LYS A 632 21.95 -25.31 8.23
N ARG A 633 21.92 -24.85 6.97
CA ARG A 633 23.03 -25.12 6.07
C ARG A 633 24.04 -23.99 6.10
N PHE A 634 23.60 -22.76 6.33
CA PHE A 634 24.45 -21.59 6.10
C PHE A 634 24.55 -20.66 7.30
N GLY A 635 24.13 -21.10 8.49
CA GLY A 635 24.25 -20.27 9.67
C GLY A 635 25.65 -20.24 10.24
N VAL A 636 25.76 -19.75 11.47
CA VAL A 636 27.06 -19.72 12.14
C VAL A 636 27.45 -21.13 12.57
N ASN A 637 26.48 -22.03 12.70
CA ASN A 637 26.72 -23.44 12.85
C ASN A 637 26.23 -24.22 11.63
N GLY A 638 26.06 -23.55 10.50
CA GLY A 638 25.57 -24.16 9.29
C GLY A 638 26.55 -25.16 8.71
N SER A 639 26.03 -26.15 7.98
CA SER A 639 26.88 -27.21 7.46
C SER A 639 27.76 -26.73 6.32
N GLU A 640 27.31 -25.72 5.59
CA GLU A 640 28.03 -25.23 4.42
C GLU A 640 28.57 -23.82 4.62
N LYS A 641 29.07 -23.52 5.82
CA LYS A 641 29.63 -22.19 6.06
C LYS A 641 30.96 -22.01 5.35
N SER A 642 31.63 -23.13 5.00
CA SER A 642 32.78 -23.06 4.10
C SER A 642 32.35 -22.65 2.71
N LYS A 643 31.14 -23.04 2.30
CA LYS A 643 30.63 -22.64 0.99
C LYS A 643 30.14 -21.20 1.03
N PHE A 644 29.25 -20.89 1.97
CA PHE A 644 28.68 -19.55 2.07
C PHE A 644 28.19 -19.34 3.48
N MET A 645 28.46 -18.16 4.02
CA MET A 645 27.99 -17.77 5.35
C MET A 645 26.88 -16.76 5.16
N MET A 646 25.72 -17.01 5.78
CA MET A 646 24.59 -16.11 5.61
C MET A 646 24.78 -14.82 6.39
N PHE A 647 25.62 -14.84 7.43
CA PHE A 647 25.68 -13.73 8.36
C PHE A 647 27.03 -13.01 8.31
N GLU A 648 27.77 -13.15 7.22
CA GLU A 648 29.03 -12.45 7.02
C GLU A 648 28.85 -11.50 5.84
N SER A 649 29.32 -10.27 6.00
CA SER A 649 29.07 -9.23 5.00
C SER A 649 30.25 -8.31 4.75
N GLN A 650 31.43 -8.62 5.30
CA GLN A 650 32.63 -7.77 5.21
C GLN A 650 32.37 -6.36 5.75
N ASN A 651 31.71 -6.30 6.92
CA ASN A 651 31.41 -5.06 7.66
C ASN A 651 30.58 -4.08 6.84
N LYS A 652 29.62 -4.57 6.06
CA LYS A 652 28.74 -3.72 5.29
C LYS A 652 27.27 -4.00 5.53
N ASP A 653 26.94 -5.08 6.26
CA ASP A 653 25.58 -5.48 6.61
C ASP A 653 24.72 -5.73 5.36
N LEU A 654 25.14 -6.72 4.59
CA LEU A 654 24.44 -7.11 3.37
C LEU A 654 23.42 -8.19 3.71
N LEU A 655 22.14 -7.81 3.62
CA LEU A 655 20.90 -8.58 3.81
C LEU A 655 20.61 -8.93 5.27
N PHE A 656 21.59 -8.79 6.14
CA PHE A 656 21.51 -9.07 7.57
C PHE A 656 22.64 -8.33 8.24
N LYS A 657 22.54 -8.15 9.55
CA LYS A 657 23.66 -7.59 10.28
C LYS A 657 24.71 -8.67 10.50
N ASP A 658 25.91 -8.24 10.91
CA ASP A 658 26.95 -9.23 11.13
C ASP A 658 27.02 -9.67 12.58
N LEU A 659 26.17 -9.11 13.44
CA LEU A 659 26.08 -9.62 14.82
C LEU A 659 25.10 -10.77 14.90
N THR A 660 24.36 -11.04 13.84
CA THR A 660 23.34 -12.07 13.86
C THR A 660 23.97 -13.46 13.90
N LYS A 661 23.57 -14.23 14.91
CA LYS A 661 24.05 -15.59 15.10
C LYS A 661 23.04 -16.63 14.63
N CYS A 662 21.79 -16.51 15.06
CA CYS A 662 20.77 -17.47 14.67
C CYS A 662 19.42 -16.78 14.63
N LEU A 663 18.52 -17.33 13.83
CA LEU A 663 17.18 -16.81 13.65
C LEU A 663 16.21 -17.61 14.48
N PHE A 664 15.45 -16.93 15.33
CA PHE A 664 14.43 -17.59 16.14
C PHE A 664 13.05 -17.27 15.58
N LYS A 665 12.17 -18.27 15.59
CA LYS A 665 10.86 -18.09 15.01
C LYS A 665 9.97 -17.28 15.94
N VAL A 666 9.29 -16.31 15.39
CA VAL A 666 8.28 -15.56 16.12
C VAL A 666 6.99 -16.37 16.07
N ARG A 667 6.23 -16.32 17.16
CA ARG A 667 5.03 -17.14 17.30
C ARG A 667 3.95 -16.66 16.34
N GLU A 668 3.06 -17.59 15.97
CA GLU A 668 2.04 -17.32 14.97
C GLU A 668 0.99 -16.36 15.54
N GLY A 669 0.57 -15.41 14.72
CA GLY A 669 -0.40 -14.42 15.15
C GLY A 669 0.21 -13.19 15.78
N THR A 670 1.53 -13.08 15.81
CA THR A 670 2.19 -11.93 16.42
C THR A 670 2.06 -10.73 15.50
N THR A 671 1.35 -9.71 15.95
CA THR A 671 1.24 -8.49 15.18
C THR A 671 2.45 -7.59 15.42
N TYR A 672 2.56 -6.53 14.63
CA TYR A 672 3.71 -5.65 14.73
C TYR A 672 3.66 -4.81 16.01
N LYS A 673 2.46 -4.60 16.55
CA LYS A 673 2.35 -3.87 17.81
C LYS A 673 2.81 -4.73 18.98
N GLU A 674 2.77 -6.05 18.83
CA GLU A 674 3.21 -6.93 19.89
C GLU A 674 4.70 -7.24 19.77
N PHE A 675 5.22 -7.24 18.54
CA PHE A 675 6.60 -7.64 18.34
C PHE A 675 7.57 -6.57 18.82
N LEU A 676 7.27 -5.31 18.53
CA LEU A 676 8.15 -4.22 18.97
C LEU A 676 8.04 -4.00 20.47
N GLY A 677 6.88 -4.26 21.03
CA GLY A 677 6.70 -3.90 22.44
C GLY A 677 6.30 -2.45 22.60
N ASP A 678 5.54 -2.19 23.65
CA ASP A 678 4.94 -0.88 23.85
C ASP A 678 5.98 0.19 24.20
N LYS A 679 7.16 -0.22 24.65
CA LYS A 679 8.22 0.73 24.95
C LYS A 679 8.72 1.40 23.66
N PHE A 680 9.09 0.60 22.67
CA PHE A 680 9.52 1.14 21.40
C PHE A 680 8.36 1.64 20.55
N TYR A 681 7.16 1.12 20.78
CA TYR A 681 6.01 1.53 19.98
C TYR A 681 5.56 2.94 20.34
N THR A 682 5.90 3.40 21.54
CA THR A 682 5.48 4.73 21.96
C THR A 682 6.20 5.82 21.18
N VAL A 683 7.50 5.64 20.93
CA VAL A 683 8.27 6.73 20.32
C VAL A 683 8.10 6.72 18.81
N ILE A 684 7.89 5.54 18.22
CA ILE A 684 7.73 5.48 16.77
C ILE A 684 6.34 5.96 16.37
N SER A 685 5.39 5.89 17.29
CA SER A 685 4.07 6.44 17.01
C SER A 685 4.07 7.95 17.10
N SER A 686 4.79 8.50 18.07
CA SER A 686 4.81 9.96 18.23
C SER A 686 5.63 10.63 17.14
N LEU A 687 6.61 9.92 16.59
CA LEU A 687 7.44 10.51 15.55
C LEU A 687 6.77 10.46 14.19
N LYS A 688 5.61 9.80 14.10
CA LYS A 688 4.87 9.75 12.84
C LYS A 688 4.28 11.12 12.50
N THR A 689 4.02 11.94 13.52
CA THR A 689 3.23 13.15 13.32
C THR A 689 4.03 14.26 12.65
N CYS A 690 5.36 14.18 12.70
CA CYS A 690 6.17 15.27 12.16
C CYS A 690 6.21 15.24 10.64
N ASN A 691 6.78 14.20 10.06
CA ASN A 691 7.00 14.13 8.62
C ASN A 691 6.78 12.70 8.16
N PRO A 692 5.55 12.37 7.75
CA PRO A 692 5.30 11.03 7.22
C PRO A 692 5.89 10.89 5.83
N SER A 693 6.52 9.76 5.57
CA SER A 693 7.05 9.50 4.25
C SER A 693 5.92 9.09 3.30
N ASP A 694 6.27 8.98 2.02
CA ASP A 694 5.26 8.67 1.01
C ASP A 694 4.83 7.22 1.09
N ILE A 695 5.73 6.32 1.49
CA ILE A 695 5.36 4.92 1.63
C ILE A 695 4.48 4.73 2.87
N LEU A 696 4.68 5.55 3.90
CA LEU A 696 3.82 5.50 5.06
C LEU A 696 2.48 6.15 4.77
N GLN A 697 2.46 7.15 3.88
CA GLN A 697 1.25 7.92 3.65
C GLN A 697 0.22 7.11 2.87
N MET A 698 0.67 6.27 1.94
CA MET A 698 -0.28 5.49 1.17
C MET A 698 -0.80 4.30 1.95
N CYS A 699 0.01 3.74 2.85
CA CYS A 699 -0.47 2.63 3.66
C CYS A 699 -1.38 3.08 4.78
N SER A 700 -1.20 4.31 5.26
CA SER A 700 -2.15 4.86 6.22
C SER A 700 -3.49 5.13 5.57
N PHE A 701 -3.49 5.39 4.26
CA PHE A 701 -4.74 5.51 3.52
C PHE A 701 -5.39 4.15 3.32
N LEU A 702 -4.56 3.12 3.11
CA LEU A 702 -5.10 1.76 2.79
C LEU A 702 -5.84 1.17 3.99
N GLU A 703 -5.26 1.28 5.18
CA GLU A 703 -5.93 0.76 6.41
C GLU A 703 -6.78 1.88 7.02
N GLY A 704 -7.97 2.14 6.45
CA GLY A 704 -8.84 3.20 6.97
C GLY A 704 -8.15 4.55 6.94
N LYS A 705 -8.17 5.27 8.07
CA LYS A 705 -7.47 6.58 8.15
C LYS A 705 -6.14 6.39 8.87
FE FE B . -19.04 0.20 -8.42
FE FE C . 18.81 -0.94 13.20
#